data_6SXA
#
_entry.id   6SXA
#
_cell.length_a   1.00
_cell.length_b   1.00
_cell.length_c   1.00
_cell.angle_alpha   90.00
_cell.angle_beta   90.00
_cell.angle_gamma   90.00
#
_symmetry.space_group_name_H-M   'P 1'
#
loop_
_entity.id
_entity.type
_entity.pdbx_description
1 polymer 'DNA repair endonuclease XPF'
2 polymer 'DNA excision repair protein ERCC-1'
#
loop_
_entity_poly.entity_id
_entity_poly.type
_entity_poly.pdbx_seq_one_letter_code
_entity_poly.pdbx_strand_id
1 'polypeptide(L)'
;MESGQPARRIAMAPLLEYERQLVLELLDTDGLVVCARGLGADRLLYHFLQLHCHPACLVLVLNTQPAEEEYFINQLKIEG
VEHLPRRVTNEITSNSRYEVYTQGGVIFATSRILVVDFLTDRIPSDLITGILVYRAHRIIESCQEAFILRLFRQKNKRGF
IKAFTDNAVAFDTGFCHVERVMRNLFVRKLYLWPRFHVAVNSFLEQHKPEVVEIHVSMTPTMLAIQTAILDILNACLKEL
KCHNPSLEVEDLSLENAIGKPFDKTIRHYLDPLWHQLGAKTKSLVQDLKILRTLLQYLSQYDCVTFLNLLESLRATEKAF
GQNSGWLFLDSSTSMFINARARVYHLPDAKMSKKEKISEKMEIKEGEETKKELVLESNPKWEALTEVLKEIEAENKESEA
LGGPGQVLICASDDRTCSQLRDYITLGAEAFLLRLYRKTFEKDSKAEEVWMKFRKEDSSKRIRKSHKRPKDPQNKERAST
KERTLKKKKRKLTLTQMVGKPEELEEEGDVEEGYRREISSSPESCPEEIKHEEFDVNLSSDAAFGILKEPLTIIHPLLGC
SDPYALTRVLHEVEPRYVVLYDAELTFVRQLEIYRASRPGKPLRVYFLIYGGSTEEQRYLTALRKEKEAFEKLIREKASM
VVPEEREGRDETNLDLVRGTASADVSTDTRKAGGQEQNGTQQSIVVDMREFRSELPSLIHRRGIDIEPVTLEVGDYILTP
EMCVERKSISDLIGSLNNGRLYSQCISMSRYYKRPVLLIEFDPSKPFSLTSRGALFQEISSNDISSKLTLLTLHFPRLRI
LWCPSPHATAELFEELKQSKPQPDAATALAITADSETLPESEKYNPGPQDFLLKMPGVNAKNCRSLMHHVKNIAELAALS
QDELTSILGNAANAKQLYDFIHTSFAEVVSKGKGKK
;
F
2 'polypeptide(L)'
;MDPGKDKEGVPQPSGPPARKKFVIPLDEDEVPPGVAKPLFRSTQSLPTVDTSAQAAPQTYAEYAISQPLEGAGATCPTGS
EPLAGETPNQALKPGAKSNSIIVSPRQRGNPVLKFVRNVPWEFGDVIPDYVLGQSTCALFLSLRYHNLHPDYIHGRLQSL
GKNFALRVLLVQVDVKDPQQALKELAKMCILADCTLILAWSPEEAGRYLETYKAYEQKPADLLMEKLEQDFVSRVTECLT
TVKSVNKTDSQTLLTTFGSLEQLIAASREDLALCPGLGPQKARRLFDVLHEPFLKVP
;
G
#
# COMPACT_ATOMS: atom_id res chain seq x y z
N ARG A 9 -3.99 17.12 -36.38
CA ARG A 9 -4.75 17.70 -35.26
C ARG A 9 -4.98 16.61 -34.19
N ILE A 10 -4.06 16.50 -33.22
CA ILE A 10 -4.18 15.40 -32.22
C ILE A 10 -3.95 15.94 -30.81
N ALA A 11 -4.66 15.37 -29.82
CA ALA A 11 -4.44 15.75 -28.41
C ALA A 11 -4.60 17.25 -28.20
N MET A 12 -3.71 17.86 -27.42
CA MET A 12 -3.78 19.32 -27.15
C MET A 12 -3.57 20.08 -28.45
N ALA A 13 -2.66 19.60 -29.30
CA ALA A 13 -2.38 20.26 -30.60
C ALA A 13 -2.20 21.77 -30.38
N PRO A 14 -2.95 22.59 -31.11
CA PRO A 14 -2.85 24.05 -30.88
C PRO A 14 -3.48 24.36 -29.52
N LEU A 15 -2.73 25.08 -28.67
CA LEU A 15 -3.21 25.46 -27.32
C LEU A 15 -4.18 26.64 -27.44
N LEU A 16 -5.29 26.60 -26.71
CA LEU A 16 -6.26 27.73 -26.71
C LEU A 16 -5.70 28.92 -25.91
N GLU A 17 -6.20 30.13 -26.20
CA GLU A 17 -5.56 31.40 -25.77
C GLU A 17 -5.34 31.42 -24.26
N TYR A 18 -6.24 30.82 -23.49
CA TYR A 18 -6.11 30.88 -22.01
C TYR A 18 -4.77 30.23 -21.66
N GLU A 19 -4.43 29.14 -22.35
CA GLU A 19 -3.11 28.51 -22.13
C GLU A 19 -2.05 29.53 -22.52
N ARG A 20 -2.20 30.15 -23.70
CA ARG A 20 -1.05 30.87 -24.31
C ARG A 20 -0.37 31.75 -23.27
N GLN A 21 -1.15 32.44 -22.44
CA GLN A 21 -0.50 33.22 -21.36
C GLN A 21 0.42 32.30 -20.54
N LEU A 22 -0.15 31.22 -19.98
CA LEU A 22 0.54 30.49 -18.89
C LEU A 22 1.93 30.10 -19.35
N VAL A 23 2.03 29.67 -20.59
CA VAL A 23 3.35 29.22 -21.09
C VAL A 23 4.27 30.43 -21.01
N LEU A 24 3.76 31.63 -21.28
CA LEU A 24 4.67 32.81 -21.33
C LEU A 24 5.34 32.98 -19.97
N GLU A 25 4.59 32.89 -18.88
CA GLU A 25 5.18 33.12 -17.54
C GLU A 25 6.24 32.08 -17.19
N LEU A 26 6.03 30.82 -17.57
CA LEU A 26 6.95 29.74 -17.12
C LEU A 26 8.11 29.61 -18.09
N LEU A 27 8.23 30.50 -19.09
CA LEU A 27 9.42 30.39 -19.97
C LEU A 27 10.54 31.32 -19.49
N ASP A 28 10.26 32.30 -18.63
CA ASP A 28 11.29 33.21 -18.16
C ASP A 28 11.79 32.86 -16.77
N THR A 29 10.91 32.92 -15.78
CA THR A 29 11.25 32.59 -14.39
C THR A 29 10.66 31.25 -14.02
N ASP A 30 11.48 30.38 -13.44
CA ASP A 30 11.03 29.05 -13.04
C ASP A 30 10.01 29.15 -11.93
N GLY A 31 9.24 28.07 -11.75
CA GLY A 31 8.34 27.90 -10.59
C GLY A 31 7.49 26.64 -10.68
N LEU A 32 6.44 26.52 -9.86
CA LEU A 32 5.52 25.36 -9.91
C LEU A 32 4.11 25.88 -10.27
N VAL A 33 3.43 25.26 -11.24
CA VAL A 33 2.11 25.75 -11.71
C VAL A 33 0.99 24.87 -11.14
N VAL A 34 0.05 25.45 -10.41
CA VAL A 34 -1.04 24.70 -9.81
C VAL A 34 -2.30 24.84 -10.63
N CYS A 35 -2.48 23.89 -11.56
CA CYS A 35 -3.66 23.81 -12.45
C CYS A 35 -4.81 23.19 -11.67
N ALA A 36 -5.93 22.88 -12.36
CA ALA A 36 -7.16 22.55 -11.61
C ALA A 36 -7.95 21.36 -12.18
N ARG A 37 -7.83 20.18 -11.57
CA ARG A 37 -8.66 19.01 -11.95
C ARG A 37 -8.67 18.67 -13.45
N GLY A 38 -7.50 18.54 -14.08
CA GLY A 38 -7.46 18.09 -15.48
C GLY A 38 -7.97 19.15 -16.44
N LEU A 39 -7.89 20.41 -16.04
CA LEU A 39 -8.34 21.57 -16.87
C LEU A 39 -7.41 21.61 -18.07
N GLY A 40 -6.51 20.62 -18.11
CA GLY A 40 -5.60 20.35 -19.23
C GLY A 40 -4.13 20.38 -18.82
N ALA A 41 -3.84 20.39 -17.51
CA ALA A 41 -2.46 20.58 -17.01
C ALA A 41 -1.52 19.66 -17.80
N ASP A 42 -1.95 18.43 -18.03
CA ASP A 42 -1.19 17.48 -18.88
C ASP A 42 -0.73 18.23 -20.12
N ARG A 43 -1.69 18.77 -20.86
CA ARG A 43 -1.42 19.37 -22.18
C ARG A 43 -0.16 20.24 -22.09
N LEU A 44 -0.09 21.13 -21.09
CA LEU A 44 0.99 22.14 -21.08
C LEU A 44 2.29 21.39 -21.41
N LEU A 45 2.44 20.22 -20.81
CA LEU A 45 3.74 19.49 -20.80
C LEU A 45 4.06 19.16 -22.25
N TYR A 46 3.03 18.86 -23.05
CA TYR A 46 3.30 18.50 -24.46
C TYR A 46 4.07 19.64 -25.12
N HIS A 47 3.66 20.89 -24.86
CA HIS A 47 4.30 22.04 -25.56
C HIS A 47 5.76 22.14 -25.13
N PHE A 48 6.04 22.01 -23.84
CA PHE A 48 7.44 22.11 -23.39
C PHE A 48 8.23 20.99 -24.08
N LEU A 49 7.68 19.79 -24.07
CA LEU A 49 8.46 18.62 -24.56
C LEU A 49 8.89 18.85 -26.00
N GLN A 50 7.98 19.35 -26.83
CA GLN A 50 8.30 19.51 -28.28
C GLN A 50 9.41 20.54 -28.41
N LEU A 51 9.31 21.64 -27.66
CA LEU A 51 10.31 22.74 -27.80
C LEU A 51 11.72 22.29 -27.39
N HIS A 52 11.88 21.59 -26.26
CA HIS A 52 13.28 21.28 -25.85
C HIS A 52 13.70 19.94 -26.45
N CYS A 53 12.83 19.32 -27.24
CA CYS A 53 13.06 17.91 -27.65
C CYS A 53 14.15 17.78 -28.72
N HIS A 54 14.71 18.92 -29.15
CA HIS A 54 15.77 18.89 -30.19
C HIS A 54 16.89 17.93 -29.79
N PRO A 55 17.69 17.39 -30.74
CA PRO A 55 18.70 16.37 -30.43
C PRO A 55 19.89 16.69 -29.52
N ALA A 56 20.46 17.90 -29.61
CA ALA A 56 21.72 18.18 -28.87
C ALA A 56 21.50 18.72 -27.45
N CYS A 57 20.26 18.79 -26.96
CA CYS A 57 20.06 19.21 -25.55
C CYS A 57 19.32 18.13 -24.79
N LEU A 58 19.39 18.13 -23.46
CA LEU A 58 18.74 17.07 -22.66
C LEU A 58 18.06 17.65 -21.43
N VAL A 59 17.16 16.84 -20.87
CA VAL A 59 16.31 17.04 -19.70
C VAL A 59 15.69 15.71 -19.31
N LEU A 60 15.39 15.57 -18.03
CA LEU A 60 14.79 14.35 -17.51
C LEU A 60 13.40 14.65 -17.00
N VAL A 61 12.44 13.79 -17.31
CA VAL A 61 11.09 13.91 -16.81
C VAL A 61 10.91 12.94 -15.67
N LEU A 62 10.53 13.45 -14.50
CA LEU A 62 10.82 12.79 -13.24
C LEU A 62 9.79 11.79 -12.76
N ASN A 63 8.49 11.96 -12.94
CA ASN A 63 7.63 11.05 -12.14
C ASN A 63 6.43 10.56 -12.95
N THR A 64 6.69 10.04 -14.16
CA THR A 64 5.63 9.59 -15.08
C THR A 64 5.11 8.21 -14.68
N GLN A 65 4.32 7.56 -15.52
CA GLN A 65 3.92 6.15 -15.27
C GLN A 65 3.95 5.47 -16.62
N PRO A 66 3.99 4.09 -16.76
CA PRO A 66 4.28 3.46 -18.04
C PRO A 66 3.38 3.76 -19.24
N ALA A 67 2.08 3.68 -19.08
CA ALA A 67 1.26 3.69 -20.31
C ALA A 67 1.20 5.10 -20.87
N GLU A 68 1.25 6.10 -20.02
CA GLU A 68 1.01 7.44 -20.54
C GLU A 68 2.03 7.58 -21.62
N GLU A 69 3.21 7.06 -21.33
CA GLU A 69 4.28 7.23 -22.31
C GLU A 69 3.60 6.96 -23.63
N GLU A 70 2.95 5.79 -23.72
CA GLU A 70 2.50 5.28 -25.03
C GLU A 70 1.79 6.40 -25.81
N TYR A 71 0.76 7.00 -25.20
CA TYR A 71 -0.02 8.04 -25.91
C TYR A 71 0.94 9.14 -26.34
N PHE A 72 1.65 9.73 -25.36
CA PHE A 72 2.56 10.86 -25.67
C PHE A 72 3.49 10.43 -26.81
N ILE A 73 4.07 9.23 -26.69
CA ILE A 73 5.05 8.80 -27.72
C ILE A 73 4.34 8.82 -29.08
N ASN A 74 3.18 8.17 -29.17
CA ASN A 74 2.56 7.99 -30.51
C ASN A 74 2.07 9.33 -31.03
N GLN A 75 1.43 10.12 -30.18
CA GLN A 75 0.87 11.42 -30.62
C GLN A 75 1.97 12.23 -31.29
N LEU A 76 3.05 12.49 -30.54
CA LEU A 76 4.13 13.37 -31.03
C LEU A 76 4.72 12.76 -32.31
N LYS A 77 4.66 11.43 -32.39
CA LYS A 77 5.18 10.69 -33.56
C LYS A 77 4.40 11.12 -34.79
N ILE A 78 3.08 11.27 -34.64
CA ILE A 78 2.19 11.60 -35.78
C ILE A 78 2.69 12.90 -36.41
N GLU A 79 3.07 13.86 -35.58
CA GLU A 79 3.54 15.15 -36.12
C GLU A 79 4.76 14.89 -37.02
N GLY A 80 5.61 13.94 -36.61
CA GLY A 80 6.73 13.50 -37.45
C GLY A 80 8.06 14.07 -36.97
N VAL A 81 8.12 14.49 -35.70
CA VAL A 81 9.40 15.02 -35.14
C VAL A 81 10.41 13.87 -35.07
N GLU A 82 11.68 14.16 -35.36
CA GLU A 82 12.75 13.13 -35.30
C GLU A 82 13.25 13.01 -33.85
N HIS A 83 14.16 12.06 -33.59
CA HIS A 83 14.73 11.88 -32.23
C HIS A 83 13.60 11.88 -31.20
N LEU A 84 12.57 11.06 -31.44
CA LEU A 84 11.40 10.99 -30.53
C LEU A 84 11.89 10.50 -29.16
N PRO A 85 11.19 10.79 -28.01
CA PRO A 85 11.67 10.47 -26.68
C PRO A 85 11.99 8.98 -26.55
N ARG A 86 13.14 8.64 -25.95
CA ARG A 86 13.53 7.24 -25.66
C ARG A 86 13.25 6.92 -24.20
N ARG A 87 13.06 5.65 -23.84
CA ARG A 87 12.69 5.30 -22.45
C ARG A 87 13.75 4.38 -21.85
N VAL A 88 14.16 4.65 -20.59
CA VAL A 88 15.22 3.85 -19.90
C VAL A 88 14.58 3.07 -18.75
N THR A 89 14.94 1.79 -18.61
CA THR A 89 14.36 0.93 -17.54
C THR A 89 15.48 0.23 -16.78
N ASN A 90 15.12 -0.52 -15.74
CA ASN A 90 16.14 -1.21 -14.90
C ASN A 90 16.91 -2.21 -15.78
N GLU A 91 16.19 -2.93 -16.64
CA GLU A 91 16.78 -4.06 -17.41
C GLU A 91 17.51 -3.50 -18.63
N ILE A 92 18.43 -2.56 -18.43
CA ILE A 92 19.14 -1.93 -19.59
C ILE A 92 20.64 -2.16 -19.49
N THR A 93 21.09 -3.31 -18.96
CA THR A 93 22.54 -3.66 -18.93
C THR A 93 23.34 -2.66 -18.09
N SER A 94 22.66 -1.96 -17.19
CA SER A 94 23.30 -1.17 -16.10
C SER A 94 24.25 -0.12 -16.69
N ASN A 95 25.43 0.03 -16.09
CA ASN A 95 26.38 1.11 -16.45
C ASN A 95 26.94 0.85 -17.84
N SER A 96 27.50 1.88 -18.49
CA SER A 96 28.05 1.74 -19.87
C SER A 96 26.90 1.62 -20.86
N ARG A 97 26.02 0.63 -20.65
CA ARG A 97 24.85 0.45 -21.55
C ARG A 97 24.06 1.76 -21.61
N TYR A 98 23.91 2.46 -20.48
CA TYR A 98 23.14 3.72 -20.51
C TYR A 98 24.00 4.79 -21.19
N GLU A 99 24.27 4.61 -22.48
CA GLU A 99 25.02 5.65 -23.23
C GLU A 99 24.02 6.57 -23.94
N VAL A 100 22.73 6.29 -23.78
CA VAL A 100 21.66 7.10 -24.44
C VAL A 100 21.80 8.54 -23.96
N TYR A 101 22.17 8.73 -22.69
CA TYR A 101 22.27 10.09 -22.12
C TYR A 101 23.19 10.94 -23.00
N THR A 102 24.31 10.36 -23.41
CA THR A 102 25.27 11.09 -24.28
C THR A 102 24.54 11.53 -25.55
N GLN A 103 23.87 10.57 -26.20
CA GLN A 103 23.12 10.82 -27.43
C GLN A 103 22.05 11.88 -27.23
N GLY A 104 21.48 11.91 -26.04
CA GLY A 104 20.73 13.09 -25.60
C GLY A 104 19.27 13.07 -26.01
N GLY A 105 18.61 14.23 -25.92
CA GLY A 105 17.17 14.27 -26.21
C GLY A 105 16.41 14.43 -24.90
N VAL A 106 15.08 14.27 -24.94
CA VAL A 106 14.31 14.03 -23.70
C VAL A 106 14.48 12.55 -23.34
N ILE A 107 14.54 12.25 -22.04
CA ILE A 107 14.69 10.84 -21.59
C ILE A 107 13.74 10.64 -20.42
N PHE A 108 12.86 9.64 -20.50
CA PHE A 108 11.99 9.27 -19.36
C PHE A 108 12.79 8.38 -18.41
N ALA A 109 12.41 8.32 -17.14
CA ALA A 109 13.20 7.55 -16.15
C ALA A 109 12.36 7.20 -14.93
N THR A 110 12.81 6.24 -14.14
CA THR A 110 12.08 5.87 -12.90
C THR A 110 12.81 6.52 -11.74
N SER A 111 12.17 6.61 -10.57
CA SER A 111 12.81 7.34 -9.46
C SER A 111 14.14 6.69 -9.08
N ARG A 112 14.21 5.36 -9.04
CA ARG A 112 15.44 4.70 -8.56
C ARG A 112 16.53 4.79 -9.62
N ILE A 113 16.30 4.17 -10.78
CA ILE A 113 17.42 3.83 -11.70
C ILE A 113 18.28 5.08 -11.81
N LEU A 114 17.67 6.25 -11.62
CA LEU A 114 18.50 7.48 -11.60
C LEU A 114 19.45 7.43 -10.41
N VAL A 115 18.92 7.42 -9.19
CA VAL A 115 19.77 7.69 -7.98
C VAL A 115 21.10 6.98 -8.13
N VAL A 116 21.08 5.73 -8.57
CA VAL A 116 22.34 4.93 -8.65
C VAL A 116 23.30 5.58 -9.65
N ASP A 117 22.79 6.00 -10.81
CA ASP A 117 23.70 6.56 -11.83
C ASP A 117 24.34 7.83 -11.27
N PHE A 118 23.55 8.71 -10.66
CA PHE A 118 24.10 10.01 -10.18
C PHE A 118 25.15 9.79 -9.09
N LEU A 119 24.92 8.87 -8.16
CA LEU A 119 25.87 8.70 -7.02
C LEU A 119 27.21 8.21 -7.56
N THR A 120 27.19 7.18 -8.40
CA THR A 120 28.43 6.66 -9.05
C THR A 120 28.94 7.71 -10.04
N ASP A 121 28.13 8.72 -10.36
CA ASP A 121 28.58 9.85 -11.23
C ASP A 121 28.80 9.37 -12.67
N ARG A 122 28.17 8.26 -13.08
CA ARG A 122 28.28 7.77 -14.48
C ARG A 122 27.66 8.77 -15.46
N ILE A 123 26.51 9.36 -15.10
CA ILE A 123 25.79 10.30 -16.03
C ILE A 123 26.60 11.58 -16.17
N PRO A 124 26.47 12.32 -17.30
CA PRO A 124 27.16 13.60 -17.44
C PRO A 124 26.30 14.61 -16.67
N SER A 125 26.88 15.28 -15.68
CA SER A 125 26.12 16.28 -14.87
C SER A 125 26.55 17.68 -15.31
N ASP A 126 27.69 17.75 -15.98
CA ASP A 126 28.07 18.94 -16.79
C ASP A 126 26.89 19.32 -17.69
N LEU A 127 26.40 18.39 -18.51
CA LEU A 127 25.63 18.82 -19.66
C LEU A 127 24.15 18.96 -19.39
N ILE A 128 23.65 18.42 -18.29
CA ILE A 128 22.20 18.32 -18.09
C ILE A 128 21.58 19.69 -17.86
N THR A 129 20.52 19.94 -18.64
CA THR A 129 20.06 21.32 -18.98
C THR A 129 18.86 21.71 -18.11
N GLY A 130 18.19 20.73 -17.50
CA GLY A 130 17.03 21.04 -16.70
C GLY A 130 16.27 19.80 -16.29
N ILE A 131 15.22 20.02 -15.50
CA ILE A 131 14.45 18.93 -14.92
C ILE A 131 12.98 19.35 -14.91
N LEU A 132 12.12 18.47 -15.46
CA LEU A 132 10.65 18.69 -15.56
C LEU A 132 9.93 17.66 -14.69
N VAL A 133 9.55 18.05 -13.47
CA VAL A 133 8.88 17.10 -12.54
C VAL A 133 7.41 16.96 -12.95
N TYR A 134 6.73 15.92 -12.46
CA TYR A 134 5.27 15.74 -12.69
C TYR A 134 4.68 15.04 -11.47
N ARG A 135 3.38 15.17 -11.25
CA ARG A 135 2.76 14.57 -10.05
C ARG A 135 3.55 15.05 -8.83
N ALA A 136 3.73 16.36 -8.70
CA ALA A 136 4.57 16.92 -7.62
C ALA A 136 4.01 16.56 -6.25
N HIS A 137 2.71 16.25 -6.15
CA HIS A 137 2.12 16.00 -4.81
C HIS A 137 2.91 14.88 -4.12
N ARG A 138 3.44 13.93 -4.89
CA ARG A 138 4.21 12.79 -4.32
C ARG A 138 5.47 13.28 -3.59
N ILE A 139 6.09 14.37 -4.07
CA ILE A 139 7.37 14.82 -3.45
C ILE A 139 7.08 15.39 -2.06
N ILE A 140 5.80 15.43 -1.66
CA ILE A 140 5.46 16.06 -0.35
C ILE A 140 6.11 15.27 0.78
N GLU A 141 6.06 13.94 0.69
CA GLU A 141 6.72 13.09 1.71
C GLU A 141 8.20 13.02 1.35
N SER A 142 9.10 13.10 2.32
CA SER A 142 10.55 13.24 1.99
C SER A 142 11.08 11.89 1.50
N CYS A 143 10.83 11.56 0.24
CA CYS A 143 11.27 10.27 -0.32
C CYS A 143 12.22 10.50 -1.49
N GLN A 144 12.34 9.50 -2.35
CA GLN A 144 13.55 9.32 -3.17
C GLN A 144 13.80 10.58 -3.98
N GLU A 145 12.73 11.26 -4.40
CA GLU A 145 12.94 12.41 -5.32
C GLU A 145 13.80 13.48 -4.64
N ALA A 146 13.52 13.80 -3.38
CA ALA A 146 14.27 14.90 -2.74
C ALA A 146 15.74 14.64 -3.05
N PHE A 147 16.17 13.41 -2.83
CA PHE A 147 17.60 13.07 -3.02
C PHE A 147 17.98 13.36 -4.46
N ILE A 148 17.10 13.04 -5.41
CA ILE A 148 17.49 13.24 -6.84
C ILE A 148 17.75 14.73 -7.04
N LEU A 149 16.96 15.60 -6.39
CA LEU A 149 17.14 17.05 -6.66
C LEU A 149 18.36 17.63 -5.91
N ARG A 150 18.35 17.66 -4.57
CA ARG A 150 19.49 18.14 -3.80
C ARG A 150 20.79 17.58 -4.33
N LEU A 151 20.76 16.38 -4.92
CA LEU A 151 21.94 15.90 -5.62
C LEU A 151 22.13 16.64 -6.93
N PHE A 152 21.06 17.12 -7.54
CA PHE A 152 21.19 17.78 -8.82
C PHE A 152 21.82 19.14 -8.69
N ARG A 153 21.54 19.85 -7.60
CA ARG A 153 21.99 21.24 -7.50
C ARG A 153 23.50 21.32 -7.18
N GLN A 154 24.29 20.81 -8.14
CA GLN A 154 25.69 21.12 -8.32
C GLN A 154 25.92 21.66 -9.73
N LYS A 155 24.88 21.66 -10.55
CA LYS A 155 24.88 22.38 -11.83
C LYS A 155 24.24 23.73 -11.56
N ASN A 156 24.98 24.58 -10.86
CA ASN A 156 24.39 25.79 -10.28
C ASN A 156 24.09 26.83 -11.35
N LYS A 157 24.83 26.81 -12.45
CA LYS A 157 24.71 27.87 -13.44
C LYS A 157 23.47 27.68 -14.31
N ARG A 158 23.42 26.58 -15.06
CA ARG A 158 22.47 26.50 -16.16
C ARG A 158 21.14 25.89 -15.77
N GLY A 159 21.11 24.99 -14.79
CA GLY A 159 20.00 24.06 -14.67
C GLY A 159 18.70 24.72 -14.23
N PHE A 160 17.65 24.43 -14.98
CA PHE A 160 16.36 25.07 -14.74
C PHE A 160 15.34 24.00 -14.37
N ILE A 161 14.58 24.19 -13.30
CA ILE A 161 13.60 23.15 -12.87
C ILE A 161 12.20 23.67 -13.21
N LYS A 162 11.19 22.81 -13.26
CA LYS A 162 9.79 23.26 -13.49
C LYS A 162 8.85 22.28 -12.80
N ALA A 163 7.69 22.74 -12.35
CA ALA A 163 6.82 21.83 -11.56
C ALA A 163 5.40 21.80 -12.08
N PHE A 164 5.17 21.24 -13.27
CA PHE A 164 3.77 21.08 -13.73
C PHE A 164 3.14 20.06 -12.77
N THR A 165 1.95 20.32 -12.24
CA THR A 165 1.38 19.39 -11.24
C THR A 165 -0.14 19.56 -11.15
N ASP A 166 -0.79 18.79 -10.29
CA ASP A 166 -2.28 18.82 -10.21
C ASP A 166 -2.74 18.23 -8.86
N ASN A 167 -4.00 17.87 -8.74
CA ASN A 167 -4.51 17.31 -7.45
C ASN A 167 -4.27 18.34 -6.34
N ALA A 168 -4.99 19.45 -6.37
CA ALA A 168 -4.70 20.58 -5.44
C ALA A 168 -5.06 20.19 -4.00
N VAL A 169 -5.80 19.10 -3.80
CA VAL A 169 -6.27 18.75 -2.43
C VAL A 169 -5.09 18.44 -1.51
N ALA A 170 -4.08 17.74 -2.01
CA ALA A 170 -2.97 17.24 -1.15
C ALA A 170 -2.29 18.41 -0.46
N PHE A 171 -1.93 19.45 -1.20
CA PHE A 171 -1.19 20.59 -0.61
C PHE A 171 -2.07 21.23 0.47
N ASP A 172 -3.39 21.21 0.26
CA ASP A 172 -4.30 21.86 1.22
C ASP A 172 -4.27 21.14 2.56
N THR A 173 -3.69 19.94 2.60
CA THR A 173 -3.71 19.14 3.86
C THR A 173 -2.94 19.87 4.96
N GLY A 174 -3.44 19.81 6.20
CA GLY A 174 -2.78 20.49 7.33
C GLY A 174 -1.45 19.84 7.69
N PHE A 175 -0.50 20.64 8.18
CA PHE A 175 0.82 20.11 8.62
C PHE A 175 1.75 19.88 7.43
N CYS A 176 1.32 20.26 6.22
CA CYS A 176 2.20 20.15 5.03
C CYS A 176 2.18 21.49 4.30
N HIS A 177 2.80 22.51 4.90
CA HIS A 177 2.75 23.88 4.31
C HIS A 177 3.42 23.86 2.93
N VAL A 178 2.82 24.53 1.96
CA VAL A 178 3.37 24.52 0.57
C VAL A 178 4.82 24.99 0.62
N GLU A 179 5.08 26.05 1.39
CA GLU A 179 6.45 26.65 1.45
C GLU A 179 7.47 25.53 1.67
N ARG A 180 7.16 24.58 2.55
CA ARG A 180 8.10 23.46 2.83
C ARG A 180 8.30 22.66 1.53
N VAL A 181 7.22 22.40 0.81
CA VAL A 181 7.33 21.69 -0.49
C VAL A 181 8.12 22.61 -1.42
N MET A 182 7.77 23.90 -1.37
CA MET A 182 8.42 24.90 -2.24
C MET A 182 9.93 24.87 -2.05
N ARG A 183 10.38 24.91 -0.78
CA ARG A 183 11.83 25.06 -0.48
C ARG A 183 12.55 23.80 -0.93
N ASN A 184 11.86 22.67 -0.89
CA ASN A 184 12.49 21.36 -1.21
C ASN A 184 12.66 21.28 -2.73
N LEU A 185 11.68 21.79 -3.47
CA LEU A 185 11.68 21.68 -4.95
C LEU A 185 12.64 22.72 -5.53
N PHE A 186 13.28 23.52 -4.67
CA PHE A 186 14.32 24.48 -5.14
C PHE A 186 13.81 25.47 -6.20
N VAL A 187 12.62 26.04 -6.05
CA VAL A 187 12.19 27.10 -7.01
C VAL A 187 11.76 28.34 -6.23
N ARG A 188 11.87 29.54 -6.82
CA ARG A 188 11.45 30.74 -6.09
C ARG A 188 9.95 31.01 -6.18
N LYS A 189 9.44 31.20 -7.39
CA LYS A 189 8.12 31.80 -7.56
C LYS A 189 6.99 30.80 -7.32
N LEU A 190 5.78 31.23 -7.69
CA LEU A 190 4.56 30.43 -7.56
C LEU A 190 3.55 30.93 -8.57
N TYR A 191 2.89 30.03 -9.30
CA TYR A 191 1.92 30.42 -10.33
C TYR A 191 0.60 29.70 -10.12
N LEU A 192 -0.30 30.31 -9.35
CA LEU A 192 -1.63 29.75 -9.23
C LEU A 192 -2.41 30.04 -10.49
N TRP A 193 -3.36 29.16 -10.80
CA TRP A 193 -4.15 29.25 -12.02
C TRP A 193 -5.43 28.45 -11.89
N PRO A 194 -6.41 28.94 -11.16
CA PRO A 194 -7.61 28.13 -10.88
C PRO A 194 -8.70 28.30 -11.93
N ARG A 195 -9.88 27.74 -11.64
CA ARG A 195 -11.04 27.73 -12.56
C ARG A 195 -12.14 28.63 -12.02
N PHE A 196 -11.75 29.77 -11.45
CA PHE A 196 -12.57 30.97 -11.33
C PHE A 196 -11.73 32.20 -11.66
N HIS A 197 -10.56 31.98 -12.24
CA HIS A 197 -9.60 33.03 -12.57
C HIS A 197 -10.17 33.93 -13.66
N VAL A 198 -9.77 35.20 -13.65
CA VAL A 198 -10.47 36.25 -14.38
C VAL A 198 -10.36 36.09 -15.88
N ALA A 199 -9.27 35.49 -16.36
CA ALA A 199 -9.08 35.32 -17.78
C ALA A 199 -9.31 33.89 -18.25
N VAL A 200 -9.60 32.97 -17.35
CA VAL A 200 -9.92 31.60 -17.73
C VAL A 200 -11.42 31.39 -17.77
N ASN A 201 -12.20 32.33 -17.24
CA ASN A 201 -13.64 32.26 -17.31
C ASN A 201 -14.20 32.99 -18.51
N SER A 202 -13.59 34.12 -18.89
CA SER A 202 -14.09 34.91 -20.02
C SER A 202 -13.87 34.19 -21.34
N PHE A 203 -12.90 33.29 -21.42
CA PHE A 203 -12.76 32.53 -22.64
C PHE A 203 -13.67 31.32 -22.66
N LEU A 204 -13.86 30.69 -21.50
CA LEU A 204 -14.58 29.39 -21.49
C LEU A 204 -16.09 29.66 -21.48
N GLU A 205 -16.50 30.92 -21.62
CA GLU A 205 -17.95 31.25 -21.68
C GLU A 205 -18.35 31.51 -23.14
N GLN A 206 -17.40 32.03 -23.93
CA GLN A 206 -17.67 32.35 -25.36
C GLN A 206 -18.16 31.05 -25.96
N HIS A 207 -17.54 29.92 -25.62
CA HIS A 207 -18.11 28.61 -26.02
C HIS A 207 -18.37 27.75 -24.77
N LYS A 208 -19.63 27.41 -24.51
CA LYS A 208 -19.97 26.55 -23.34
C LYS A 208 -20.88 25.40 -23.78
N PRO A 209 -20.70 24.18 -23.27
CA PRO A 209 -21.59 23.06 -23.59
C PRO A 209 -22.82 23.12 -22.67
N GLU A 210 -23.97 22.69 -23.18
CA GLU A 210 -25.25 22.82 -22.43
C GLU A 210 -25.53 21.54 -21.63
N VAL A 211 -25.91 21.70 -20.36
CA VAL A 211 -26.28 20.55 -19.49
C VAL A 211 -27.79 20.39 -19.53
N VAL A 212 -28.28 19.16 -19.35
CA VAL A 212 -29.75 18.95 -19.25
C VAL A 212 -30.00 18.15 -17.99
N GLU A 213 -29.75 18.76 -16.83
CA GLU A 213 -29.77 17.99 -15.59
C GLU A 213 -31.12 17.33 -15.43
N ILE A 214 -31.11 16.02 -15.17
CA ILE A 214 -32.33 15.23 -15.08
C ILE A 214 -32.35 14.54 -13.73
N HIS A 215 -33.37 14.80 -12.93
CA HIS A 215 -33.49 14.23 -11.60
C HIS A 215 -34.31 12.96 -11.67
N VAL A 216 -33.74 11.85 -11.19
CA VAL A 216 -34.39 10.55 -11.20
C VAL A 216 -34.60 10.13 -9.76
N SER A 217 -35.85 10.09 -9.32
CA SER A 217 -36.16 9.74 -7.95
C SER A 217 -36.02 8.24 -7.74
N MET A 218 -35.42 7.86 -6.62
CA MET A 218 -35.18 6.46 -6.31
C MET A 218 -36.41 5.82 -5.70
N THR A 219 -36.37 4.50 -5.56
CA THR A 219 -37.52 3.74 -5.09
C THR A 219 -37.73 3.97 -3.59
N PRO A 220 -38.95 3.76 -3.09
CA PRO A 220 -39.18 3.88 -1.65
C PRO A 220 -38.57 2.76 -0.82
N THR A 221 -38.08 1.69 -1.44
CA THR A 221 -37.43 0.63 -0.69
C THR A 221 -35.92 0.65 -0.82
N MET A 222 -35.34 1.70 -1.40
CA MET A 222 -33.89 1.82 -1.43
C MET A 222 -33.39 2.62 -0.22
N LEU A 223 -34.18 3.61 0.21
CA LEU A 223 -33.83 4.40 1.38
C LEU A 223 -33.76 3.56 2.64
N ALA A 224 -34.58 2.50 2.71
CA ALA A 224 -34.53 1.60 3.84
C ALA A 224 -33.26 0.78 3.88
N ILE A 225 -32.53 0.69 2.77
CA ILE A 225 -31.20 0.10 2.85
C ILE A 225 -30.18 1.17 3.20
N GLN A 226 -30.30 2.34 2.57
CA GLN A 226 -29.24 3.35 2.68
C GLN A 226 -29.16 3.95 4.07
N THR A 227 -30.32 4.29 4.66
CA THR A 227 -30.30 4.90 5.98
C THR A 227 -29.95 3.91 7.08
N ALA A 228 -29.95 2.62 6.79
CA ALA A 228 -29.45 1.65 7.74
C ALA A 228 -27.96 1.45 7.60
N ILE A 229 -27.45 1.44 6.36
CA ILE A 229 -26.01 1.31 6.16
C ILE A 229 -25.26 2.50 6.73
N LEU A 230 -25.79 3.70 6.52
CA LEU A 230 -25.16 4.88 7.11
C LEU A 230 -25.24 4.91 8.62
N ASP A 231 -26.29 4.34 9.21
CA ASP A 231 -26.38 4.25 10.67
C ASP A 231 -25.37 3.26 11.24
N ILE A 232 -25.17 2.13 10.58
CA ILE A 232 -24.17 1.18 11.05
C ILE A 232 -22.76 1.75 10.91
N LEU A 233 -22.51 2.48 9.81
CA LEU A 233 -21.20 3.12 9.65
C LEU A 233 -20.98 4.20 10.69
N ASN A 234 -22.03 4.95 11.01
CA ASN A 234 -21.93 6.00 12.02
C ASN A 234 -21.72 5.42 13.42
N ALA A 235 -22.27 4.22 13.67
CA ALA A 235 -22.03 3.56 14.94
C ALA A 235 -20.67 2.88 15.00
N CYS A 236 -20.06 2.57 13.86
CA CYS A 236 -18.73 1.99 13.84
C CYS A 236 -17.65 3.05 14.03
N LEU A 237 -17.86 4.24 13.47
CA LEU A 237 -16.81 5.26 13.50
C LEU A 237 -16.57 5.79 14.90
N LYS A 238 -17.60 5.87 15.75
CA LYS A 238 -17.40 6.30 17.12
C LYS A 238 -16.60 5.30 17.93
N GLU A 239 -16.84 4.01 17.72
CA GLU A 239 -16.06 2.98 18.37
C GLU A 239 -14.61 2.97 17.90
N LEU A 240 -14.37 3.32 16.63
CA LEU A 240 -12.99 3.49 16.20
C LEU A 240 -12.38 4.73 16.85
N LYS A 241 -13.17 5.77 17.06
CA LYS A 241 -12.65 7.01 17.61
C LYS A 241 -12.32 6.88 19.09
N CYS A 242 -13.04 6.02 19.82
CA CYS A 242 -12.88 5.97 21.27
C CYS A 242 -11.56 5.30 21.67
N HIS A 243 -11.27 4.13 21.12
CA HIS A 243 -10.12 3.34 21.54
C HIS A 243 -8.85 3.70 20.81
N ASN A 244 -8.77 4.89 20.23
CA ASN A 244 -7.58 5.37 19.55
C ASN A 244 -7.59 6.89 19.54
N PRO A 245 -6.98 7.55 20.51
CA PRO A 245 -7.05 9.01 20.59
C PRO A 245 -6.05 9.71 19.70
N SER A 246 -5.22 8.94 18.98
CA SER A 246 -4.19 9.51 18.12
C SER A 246 -4.78 10.19 16.90
N LEU A 247 -5.49 9.43 16.07
CA LEU A 247 -6.07 10.00 14.86
C LEU A 247 -7.27 10.86 15.19
N GLU A 248 -7.16 12.17 14.93
CA GLU A 248 -8.25 13.08 15.28
C GLU A 248 -8.54 14.13 14.20
N VAL A 249 -7.76 14.19 13.13
CA VAL A 249 -7.94 15.23 12.11
C VAL A 249 -8.15 14.58 10.75
N GLU A 250 -9.10 15.14 9.98
CA GLU A 250 -9.40 14.82 8.59
C GLU A 250 -9.85 13.38 8.34
N ASP A 251 -10.20 12.66 9.40
CA ASP A 251 -10.73 11.30 9.27
C ASP A 251 -11.84 11.11 10.29
N LEU A 252 -12.47 12.20 10.69
CA LEU A 252 -13.39 12.16 11.81
C LEU A 252 -14.83 12.09 11.37
N SER A 253 -15.28 13.08 10.61
CA SER A 253 -16.70 13.24 10.34
C SER A 253 -17.17 12.22 9.31
N LEU A 254 -18.50 12.15 9.15
CA LEU A 254 -19.09 11.20 8.24
C LEU A 254 -18.83 11.58 6.78
N GLU A 255 -18.85 12.88 6.51
CA GLU A 255 -18.63 13.41 5.14
C GLU A 255 -17.47 12.66 4.49
N ASN A 256 -16.33 12.57 5.19
CA ASN A 256 -15.10 12.17 4.55
C ASN A 256 -14.95 10.66 4.42
N ALA A 257 -15.82 9.88 5.05
CA ALA A 257 -15.76 8.44 4.94
C ALA A 257 -16.57 7.91 3.77
N ILE A 258 -17.30 8.78 3.07
CA ILE A 258 -18.03 8.36 1.89
C ILE A 258 -17.20 8.48 0.63
N GLY A 259 -16.24 9.41 0.58
CA GLY A 259 -15.51 9.65 -0.64
C GLY A 259 -14.45 8.58 -0.89
N LYS A 260 -13.95 8.57 -2.11
CA LYS A 260 -12.95 7.59 -2.54
C LYS A 260 -11.59 7.75 -1.85
N PRO A 261 -10.97 8.96 -1.72
CA PRO A 261 -9.70 8.99 -0.99
C PRO A 261 -9.88 9.04 0.51
N PHE A 262 -10.33 7.93 1.11
CA PHE A 262 -10.35 7.85 2.57
C PHE A 262 -9.29 6.89 3.08
N ASP A 263 -9.01 5.82 2.33
CA ASP A 263 -8.09 4.80 2.81
C ASP A 263 -6.65 5.29 2.86
N LYS A 264 -6.33 6.33 2.10
CA LYS A 264 -4.96 6.86 2.09
C LYS A 264 -4.64 7.55 3.41
N THR A 265 -5.63 8.22 4.00
CA THR A 265 -5.41 8.86 5.29
C THR A 265 -5.21 7.84 6.40
N ILE A 266 -5.96 6.74 6.37
CA ILE A 266 -5.74 5.65 7.31
C ILE A 266 -4.41 4.92 7.08
N ARG A 267 -4.01 4.73 5.82
CA ARG A 267 -2.75 4.06 5.53
C ARG A 267 -1.56 4.98 5.82
N HIS A 268 -1.81 6.28 5.94
CA HIS A 268 -0.75 7.17 6.38
C HIS A 268 -0.74 7.30 7.91
N TYR A 269 -1.90 7.14 8.55
CA TYR A 269 -1.97 7.39 9.98
C TYR A 269 -1.65 6.15 10.81
N LEU A 270 -1.87 4.96 10.28
CA LEU A 270 -1.79 3.75 11.09
C LEU A 270 -0.70 2.82 10.58
N ASP A 271 0.05 3.24 9.57
CA ASP A 271 1.16 2.40 9.16
C ASP A 271 2.37 2.52 10.09
N PRO A 272 2.79 3.72 10.57
CA PRO A 272 3.76 3.71 11.68
C PRO A 272 3.15 3.14 12.95
N LEU A 273 3.81 2.11 13.48
CA LEU A 273 3.42 1.34 14.66
C LEU A 273 2.04 0.72 14.46
N TRP A 274 1.94 -0.18 13.47
CA TRP A 274 0.70 -0.96 13.30
C TRP A 274 0.59 -2.02 14.38
N HIS A 275 1.71 -2.67 14.71
CA HIS A 275 1.66 -3.88 15.52
C HIS A 275 1.58 -3.62 17.01
N GLN A 276 1.27 -2.39 17.44
CA GLN A 276 0.95 -2.13 18.83
C GLN A 276 -0.49 -1.63 18.97
N LEU A 277 -1.40 -2.16 18.18
CA LEU A 277 -2.80 -1.76 18.25
C LEU A 277 -3.67 -2.73 19.03
N GLY A 278 -3.34 -4.01 19.01
CA GLY A 278 -4.18 -4.98 19.70
C GLY A 278 -4.99 -5.83 18.74
N ALA A 279 -6.24 -6.11 19.14
CA ALA A 279 -7.07 -7.03 18.37
C ALA A 279 -8.44 -6.44 18.07
N LYS A 280 -8.80 -5.35 18.74
CA LYS A 280 -10.12 -4.77 18.53
C LYS A 280 -10.17 -3.92 17.27
N THR A 281 -9.20 -3.01 17.11
CA THR A 281 -9.25 -2.08 15.99
C THR A 281 -8.88 -2.76 14.69
N LYS A 282 -8.09 -3.84 14.78
CA LYS A 282 -7.58 -4.49 13.58
C LYS A 282 -8.68 -5.21 12.81
N SER A 283 -9.78 -5.53 13.48
CA SER A 283 -10.93 -6.10 12.80
C SER A 283 -11.89 -4.99 12.38
N LEU A 284 -11.90 -3.90 13.16
CA LEU A 284 -12.83 -2.82 12.94
C LEU A 284 -12.50 -2.05 11.68
N VAL A 285 -11.21 -1.97 11.34
CA VAL A 285 -10.81 -1.29 10.11
C VAL A 285 -11.26 -2.10 8.90
N GLN A 286 -11.21 -3.42 9.00
CA GLN A 286 -11.66 -4.28 7.92
C GLN A 286 -13.17 -4.21 7.76
N ASP A 287 -13.87 -4.09 8.89
CA ASP A 287 -15.30 -3.84 8.88
C ASP A 287 -15.65 -2.54 8.16
N LEU A 288 -14.87 -1.48 8.43
CA LEU A 288 -15.18 -0.20 7.81
C LEU A 288 -14.91 -0.22 6.31
N LYS A 289 -13.89 -0.97 5.89
CA LYS A 289 -13.61 -1.12 4.46
C LYS A 289 -14.73 -1.88 3.74
N ILE A 290 -15.23 -2.96 4.35
CA ILE A 290 -16.27 -3.71 3.66
C ILE A 290 -17.61 -2.98 3.72
N LEU A 291 -17.82 -2.16 4.75
CA LEU A 291 -19.06 -1.39 4.79
C LEU A 291 -19.00 -0.21 3.84
N ARG A 292 -17.80 0.24 3.49
CA ARG A 292 -17.70 1.26 2.47
C ARG A 292 -17.90 0.68 1.07
N THR A 293 -17.43 -0.55 0.82
CA THR A 293 -17.63 -1.08 -0.52
C THR A 293 -19.03 -1.67 -0.70
N LEU A 294 -19.79 -1.85 0.39
CA LEU A 294 -21.18 -2.27 0.24
C LEU A 294 -22.05 -1.16 -0.34
N LEU A 295 -21.79 0.08 0.09
CA LEU A 295 -22.63 1.21 -0.29
C LEU A 295 -22.48 1.56 -1.75
N GLN A 296 -21.33 1.20 -2.33
CA GLN A 296 -21.10 1.39 -3.79
C GLN A 296 -21.61 0.16 -4.55
N TYR A 297 -21.57 -1.02 -3.90
CA TYR A 297 -21.96 -2.27 -4.60
C TYR A 297 -23.44 -2.22 -5.02
N LEU A 298 -24.31 -1.70 -4.15
CA LEU A 298 -25.77 -1.85 -4.40
C LEU A 298 -26.19 -0.99 -5.61
N SER A 299 -25.79 0.28 -5.63
CA SER A 299 -26.26 1.19 -6.70
C SER A 299 -25.79 0.79 -8.09
N GLN A 300 -24.53 0.38 -8.25
CA GLN A 300 -24.00 0.14 -9.62
C GLN A 300 -24.21 -1.30 -10.11
N TYR A 301 -24.85 -2.16 -9.32
CA TYR A 301 -25.02 -3.57 -9.74
C TYR A 301 -26.49 -3.99 -9.65
N ASP A 302 -26.83 -5.13 -10.26
CA ASP A 302 -28.25 -5.61 -10.28
C ASP A 302 -28.67 -6.19 -8.93
N CYS A 303 -29.97 -6.25 -8.68
CA CYS A 303 -30.51 -6.75 -7.38
C CYS A 303 -30.14 -8.22 -7.17
N VAL A 304 -30.17 -9.04 -8.22
CA VAL A 304 -29.92 -10.49 -8.01
C VAL A 304 -28.52 -10.68 -7.44
N THR A 305 -27.51 -10.01 -8.01
CA THR A 305 -26.12 -10.21 -7.54
C THR A 305 -26.04 -9.72 -6.09
N PHE A 306 -26.69 -8.59 -5.81
CA PHE A 306 -26.60 -8.02 -4.44
C PHE A 306 -27.22 -8.99 -3.42
N LEU A 307 -28.35 -9.63 -3.76
CA LEU A 307 -28.93 -10.62 -2.83
C LEU A 307 -27.90 -11.73 -2.59
N ASN A 308 -27.18 -12.10 -3.65
CA ASN A 308 -26.06 -13.05 -3.48
C ASN A 308 -25.04 -12.40 -2.55
N LEU A 309 -24.66 -11.14 -2.80
CA LEU A 309 -23.46 -10.74 -2.05
C LEU A 309 -23.75 -10.66 -0.56
N LEU A 310 -24.92 -10.15 -0.20
CA LEU A 310 -25.28 -10.09 1.21
C LEU A 310 -25.49 -11.49 1.79
N GLU A 311 -25.92 -12.45 0.96
CA GLU A 311 -26.01 -13.82 1.45
C GLU A 311 -24.66 -14.48 1.52
N SER A 312 -23.71 -14.06 0.69
CA SER A 312 -22.37 -14.63 0.77
C SER A 312 -21.61 -14.09 1.97
N LEU A 313 -22.02 -12.94 2.48
CA LEU A 313 -21.44 -12.51 3.76
C LEU A 313 -21.89 -13.37 4.92
N ARG A 314 -23.02 -14.07 4.81
CA ARG A 314 -23.50 -14.88 5.92
C ARG A 314 -22.72 -16.17 6.04
N ALA A 315 -22.01 -16.56 4.98
CA ALA A 315 -21.40 -17.88 4.96
C ALA A 315 -20.00 -17.89 5.55
N THR A 316 -19.45 -16.73 5.91
CA THR A 316 -18.13 -16.74 6.53
C THR A 316 -18.24 -16.67 8.05
N GLU A 317 -19.24 -17.35 8.61
CA GLU A 317 -19.30 -17.54 10.06
C GLU A 317 -19.25 -19.02 10.40
N LYS A 318 -19.93 -19.85 9.59
CA LYS A 318 -20.11 -21.25 9.94
C LYS A 318 -18.87 -22.08 9.62
N ALA A 319 -17.81 -21.44 9.12
CA ALA A 319 -16.55 -22.13 8.85
C ALA A 319 -15.37 -21.38 9.46
N PHE A 320 -15.44 -20.05 9.52
CA PHE A 320 -14.28 -19.29 9.99
C PHE A 320 -14.60 -18.41 11.18
N GLY A 321 -15.81 -18.53 11.71
CA GLY A 321 -16.19 -17.76 12.88
C GLY A 321 -16.26 -16.28 12.60
N GLN A 322 -15.61 -15.48 13.45
CA GLN A 322 -15.62 -14.04 13.29
C GLN A 322 -14.68 -13.65 12.16
N ASN A 323 -15.16 -13.76 10.91
CA ASN A 323 -14.36 -13.34 9.77
C ASN A 323 -14.72 -11.90 9.46
N SER A 324 -15.96 -11.61 9.06
CA SER A 324 -16.41 -10.23 8.96
C SER A 324 -17.26 -9.88 10.18
N GLY A 325 -16.65 -10.08 11.36
CA GLY A 325 -17.22 -9.61 12.61
C GLY A 325 -18.42 -10.35 13.15
N TRP A 326 -18.55 -10.34 14.48
CA TRP A 326 -19.76 -10.79 15.15
C TRP A 326 -20.56 -9.63 15.72
N LEU A 327 -20.26 -8.40 15.30
CA LEU A 327 -20.85 -7.24 15.95
C LEU A 327 -21.96 -6.65 15.09
N PHE A 328 -21.76 -6.56 13.77
CA PHE A 328 -22.72 -5.88 12.94
C PHE A 328 -23.59 -6.86 12.17
N LEU A 329 -23.11 -8.09 12.04
CA LEU A 329 -23.88 -9.06 11.27
C LEU A 329 -24.88 -9.82 12.12
N ASP A 330 -25.11 -9.40 13.36
CA ASP A 330 -26.17 -9.99 14.18
C ASP A 330 -26.88 -8.86 14.94
N SER A 331 -27.06 -7.74 14.24
CA SER A 331 -27.87 -6.63 14.70
C SER A 331 -28.39 -5.90 13.45
N SER A 332 -29.45 -5.11 13.65
CA SER A 332 -30.13 -4.35 12.59
C SER A 332 -30.57 -5.26 11.45
N THR A 333 -31.53 -6.13 11.75
CA THR A 333 -32.02 -7.09 10.76
C THR A 333 -32.97 -6.49 9.74
N SER A 334 -33.14 -5.16 9.71
CA SER A 334 -33.93 -4.53 8.65
C SER A 334 -33.23 -4.60 7.30
N MET A 335 -31.91 -4.76 7.30
CA MET A 335 -31.17 -4.90 6.05
C MET A 335 -31.56 -6.18 5.33
N PHE A 336 -31.70 -7.28 6.08
CA PHE A 336 -32.09 -8.57 5.51
C PHE A 336 -33.49 -8.49 4.90
N ILE A 337 -34.43 -7.93 5.65
CA ILE A 337 -35.82 -7.91 5.22
C ILE A 337 -35.99 -6.99 4.02
N ASN A 338 -35.37 -5.84 4.09
CA ASN A 338 -35.31 -5.09 2.82
C ASN A 338 -34.69 -6.01 1.77
N ALA A 339 -33.58 -6.65 2.08
CA ALA A 339 -32.88 -7.45 1.05
C ALA A 339 -33.75 -8.62 0.61
N ARG A 340 -34.43 -9.25 1.55
CA ARG A 340 -35.16 -10.50 1.24
C ARG A 340 -36.35 -10.20 0.33
N ALA A 341 -36.92 -9.00 0.44
CA ALA A 341 -38.15 -8.67 -0.34
C ALA A 341 -37.91 -8.67 -1.85
N ARG A 342 -36.72 -8.25 -2.27
CA ARG A 342 -36.44 -8.06 -3.71
C ARG A 342 -36.72 -9.36 -4.47
N VAL A 343 -36.24 -10.50 -3.97
CA VAL A 343 -36.12 -11.68 -4.88
C VAL A 343 -37.12 -12.79 -4.52
N TYR A 344 -37.43 -13.01 -3.24
CA TYR A 344 -38.30 -14.17 -2.87
C TYR A 344 -39.54 -13.70 -2.14
N HIS A 345 -40.69 -14.32 -2.44
CA HIS A 345 -41.97 -13.92 -1.79
C HIS A 345 -42.09 -14.57 -0.42
N LEU A 346 -43.04 -14.09 0.40
CA LEU A 346 -43.20 -14.61 1.79
C LEU A 346 -44.16 -15.81 1.79
N PRO A 347 -44.30 -16.48 2.93
CA PRO A 347 -45.10 -17.72 2.99
C PRO A 347 -46.60 -17.44 2.83
N ASP A 348 -47.34 -18.47 2.40
CA ASP A 348 -48.79 -18.40 2.11
C ASP A 348 -49.50 -19.75 2.35
N ALA A 349 -50.57 -19.76 3.16
CA ALA A 349 -51.36 -21.00 3.39
C ALA A 349 -52.79 -20.64 3.81
N LYS A 350 -53.76 -21.56 3.62
CA LYS A 350 -55.17 -21.32 4.03
C LYS A 350 -56.07 -22.53 3.72
N MET A 351 -57.22 -22.62 4.38
CA MET A 351 -58.35 -23.48 3.96
C MET A 351 -59.64 -22.99 4.64
N SER A 352 -60.14 -21.81 4.22
CA SER A 352 -61.36 -21.24 4.82
C SER A 352 -61.33 -21.39 6.35
N LYS A 353 -60.17 -21.06 6.96
CA LYS A 353 -59.94 -21.35 8.39
C LYS A 353 -59.37 -20.10 9.08
N LYS A 354 -60.00 -19.68 10.19
CA LYS A 354 -59.54 -18.48 10.94
C LYS A 354 -58.26 -18.81 11.71
N GLU A 355 -57.52 -17.78 12.15
CA GLU A 355 -56.28 -17.99 12.93
C GLU A 355 -55.31 -18.88 12.15
N LYS A 356 -55.12 -18.58 10.85
CA LYS A 356 -54.20 -19.37 10.00
C LYS A 356 -53.19 -18.42 9.34
N ILE A 357 -52.21 -17.94 10.11
CA ILE A 357 -51.17 -17.04 9.57
C ILE A 357 -49.86 -17.31 10.31
N SER A 358 -48.81 -17.71 9.58
CA SER A 358 -47.65 -18.37 10.20
C SER A 358 -46.36 -17.77 9.62
N GLU A 359 -45.24 -18.21 10.18
CA GLU A 359 -43.90 -17.85 9.67
C GLU A 359 -43.51 -18.86 8.59
N LYS A 360 -43.23 -20.10 8.99
CA LYS A 360 -42.92 -21.17 8.01
C LYS A 360 -43.74 -22.42 8.34
N MET A 361 -45.05 -22.39 8.07
CA MET A 361 -45.91 -23.58 8.30
C MET A 361 -46.57 -23.99 6.99
N GLU A 362 -46.53 -25.28 6.65
CA GLU A 362 -47.14 -25.78 5.39
C GLU A 362 -48.56 -25.23 5.24
N GLY A 366 -50.68 -26.52 1.52
CA GLY A 366 -51.09 -25.16 1.13
C GLY A 366 -49.87 -24.27 0.98
N GLU A 367 -48.81 -24.53 1.76
CA GLU A 367 -47.58 -23.72 1.70
C GLU A 367 -46.45 -24.55 1.07
N GLU A 368 -46.80 -25.53 0.23
CA GLU A 368 -45.77 -26.42 -0.34
C GLU A 368 -44.86 -25.66 -1.31
N THR A 369 -45.45 -24.95 -2.28
CA THR A 369 -44.64 -24.28 -3.33
C THR A 369 -43.75 -23.19 -2.71
N LYS A 370 -42.54 -23.03 -3.25
CA LYS A 370 -41.67 -21.87 -2.93
C LYS A 370 -42.32 -20.59 -3.45
N LYS A 371 -42.71 -19.68 -2.55
CA LYS A 371 -43.38 -18.43 -2.97
C LYS A 371 -42.42 -17.62 -3.84
N GLU A 372 -42.94 -16.99 -4.91
CA GLU A 372 -42.04 -16.27 -5.83
C GLU A 372 -42.29 -14.76 -5.75
N LEU A 373 -41.21 -13.99 -5.56
CA LEU A 373 -41.36 -12.51 -5.51
C LEU A 373 -40.76 -11.91 -6.78
N VAL A 374 -41.51 -11.04 -7.45
CA VAL A 374 -41.04 -10.43 -8.73
C VAL A 374 -39.78 -9.61 -8.44
N LEU A 375 -38.86 -9.62 -9.41
CA LEU A 375 -37.56 -8.91 -9.36
C LEU A 375 -37.83 -7.46 -9.75
N GLU A 376 -37.17 -6.50 -9.11
CA GLU A 376 -37.45 -5.07 -9.36
C GLU A 376 -36.30 -4.46 -10.17
N SER A 377 -36.54 -3.31 -10.79
CA SER A 377 -35.49 -2.66 -11.62
C SER A 377 -35.29 -1.21 -11.19
N ASN A 378 -34.04 -0.87 -10.88
CA ASN A 378 -33.64 0.45 -10.34
C ASN A 378 -33.82 1.52 -11.42
N PRO A 379 -34.61 2.61 -11.14
CA PRO A 379 -35.27 3.45 -12.16
C PRO A 379 -34.33 4.23 -13.06
N LYS A 380 -33.03 4.05 -12.92
CA LYS A 380 -32.10 4.62 -13.89
C LYS A 380 -32.30 3.99 -15.26
N TRP A 381 -32.55 2.68 -15.30
CA TRP A 381 -32.81 1.99 -16.55
C TRP A 381 -34.11 2.43 -17.18
N GLU A 382 -35.06 2.88 -16.37
CA GLU A 382 -36.35 3.30 -16.89
C GLU A 382 -36.25 4.73 -17.42
N ALA A 383 -35.62 5.62 -16.66
CA ALA A 383 -35.51 6.99 -17.14
C ALA A 383 -34.40 7.18 -18.15
N LEU A 384 -33.60 6.16 -18.42
CA LEU A 384 -32.66 6.28 -19.53
C LEU A 384 -33.39 6.21 -20.86
N THR A 385 -34.38 5.32 -20.97
CA THR A 385 -34.95 5.00 -22.27
C THR A 385 -35.91 6.09 -22.76
N GLU A 386 -36.19 7.10 -21.96
CA GLU A 386 -36.87 8.27 -22.49
C GLU A 386 -35.90 9.12 -23.32
N VAL A 387 -34.65 9.24 -22.86
CA VAL A 387 -33.68 10.11 -23.51
C VAL A 387 -33.25 9.52 -24.85
N LEU A 388 -32.95 8.22 -24.89
CA LEU A 388 -32.51 7.57 -26.13
C LEU A 388 -33.62 7.36 -27.14
N LYS A 389 -34.88 7.53 -26.75
CA LYS A 389 -35.97 7.53 -27.71
C LYS A 389 -36.40 8.93 -28.09
N GLU A 390 -36.12 9.94 -27.26
CA GLU A 390 -36.21 11.31 -27.72
C GLU A 390 -35.15 11.59 -28.78
N ILE A 391 -33.92 11.14 -28.52
CA ILE A 391 -32.79 11.60 -29.30
C ILE A 391 -32.74 10.94 -30.65
N GLU A 392 -33.40 9.79 -30.81
CA GLU A 392 -33.55 9.20 -32.14
C GLU A 392 -34.52 10.02 -32.98
N ALA A 393 -35.59 10.52 -32.37
CA ALA A 393 -36.49 11.42 -33.07
C ALA A 393 -35.82 12.77 -33.33
N GLU A 394 -34.88 13.16 -32.47
CA GLU A 394 -34.14 14.40 -32.71
C GLU A 394 -33.18 14.25 -33.88
N ASN A 395 -32.70 13.02 -34.06
CA ASN A 395 -32.23 12.50 -35.37
C ASN A 395 -33.41 12.41 -36.34
N LYS A 396 -34.38 11.53 -36.05
CA LYS A 396 -35.36 11.13 -37.09
C LYS A 396 -36.06 12.34 -37.69
N GLU A 397 -36.57 13.23 -36.82
CA GLU A 397 -37.27 14.45 -37.28
C GLU A 397 -36.31 15.26 -38.17
N SER A 398 -35.04 15.28 -37.79
CA SER A 398 -34.01 16.02 -38.56
C SER A 398 -33.82 15.28 -39.88
N GLU A 399 -34.12 13.98 -39.88
CA GLU A 399 -33.96 13.17 -41.11
C GLU A 399 -32.51 13.30 -41.57
N ALA A 400 -32.29 13.63 -42.84
CA ALA A 400 -30.91 13.87 -43.34
C ALA A 400 -30.46 15.26 -42.89
N LEU A 401 -31.39 16.17 -42.59
CA LEU A 401 -31.01 17.59 -42.47
C LEU A 401 -30.17 17.78 -41.21
N GLY A 402 -30.58 17.15 -40.09
CA GLY A 402 -29.81 17.21 -38.84
C GLY A 402 -28.47 16.50 -38.97
N GLY A 403 -28.43 15.37 -39.69
CA GLY A 403 -27.20 14.57 -39.78
C GLY A 403 -27.33 13.30 -38.97
N PRO A 404 -26.53 12.24 -39.24
CA PRO A 404 -26.71 10.96 -38.55
C PRO A 404 -26.47 10.97 -37.03
N GLY A 405 -25.42 11.65 -36.58
CA GLY A 405 -25.12 11.78 -35.13
C GLY A 405 -24.55 10.51 -34.54
N GLN A 406 -23.81 10.62 -33.43
CA GLN A 406 -23.28 9.42 -32.74
C GLN A 406 -23.43 9.60 -31.23
N VAL A 407 -23.57 8.50 -30.49
CA VAL A 407 -23.69 8.57 -29.01
C VAL A 407 -22.67 7.62 -28.37
N LEU A 408 -21.96 8.06 -27.33
CA LEU A 408 -20.94 7.23 -26.65
C LEU A 408 -21.26 7.16 -25.19
N ILE A 409 -22.37 6.53 -24.85
CA ILE A 409 -22.83 6.55 -23.44
C ILE A 409 -21.78 5.87 -22.58
N CYS A 410 -21.47 6.44 -21.41
CA CYS A 410 -20.29 6.01 -20.61
C CYS A 410 -20.71 5.56 -19.20
N ALA A 411 -19.90 4.72 -18.56
CA ALA A 411 -20.21 4.19 -17.21
C ALA A 411 -18.94 4.05 -16.37
N SER A 412 -19.10 4.03 -15.05
CA SER A 412 -17.94 3.95 -14.13
C SER A 412 -17.06 2.74 -14.48
N ASP A 413 -17.60 1.53 -14.30
CA ASP A 413 -16.76 0.30 -14.24
C ASP A 413 -17.13 -0.71 -15.33
N ASP A 414 -16.22 -1.64 -15.62
CA ASP A 414 -16.37 -2.56 -16.77
C ASP A 414 -17.61 -3.43 -16.60
N ARG A 415 -17.84 -3.95 -15.38
CA ARG A 415 -18.97 -4.89 -15.19
C ARG A 415 -20.29 -4.18 -15.49
N THR A 416 -20.45 -2.93 -15.03
CA THR A 416 -21.68 -2.18 -15.36
C THR A 416 -21.84 -2.18 -16.87
N CYS A 417 -20.77 -1.81 -17.59
CA CYS A 417 -20.86 -1.72 -19.06
C CYS A 417 -21.41 -3.05 -19.56
N SER A 418 -20.94 -4.16 -19.00
CA SER A 418 -21.44 -5.48 -19.46
C SER A 418 -22.96 -5.53 -19.32
N GLN A 419 -23.46 -5.30 -18.11
CA GLN A 419 -24.91 -5.35 -17.84
C GLN A 419 -25.63 -4.38 -18.77
N LEU A 420 -25.21 -3.12 -18.79
CA LEU A 420 -25.96 -2.08 -19.54
C LEU A 420 -26.10 -2.56 -20.98
N ARG A 421 -24.97 -2.92 -21.60
CA ARG A 421 -24.97 -3.62 -22.92
C ARG A 421 -26.14 -4.60 -22.99
N ASP A 422 -26.29 -5.48 -22.02
CA ASP A 422 -27.34 -6.50 -22.19
C ASP A 422 -28.73 -5.88 -22.00
N TYR A 423 -28.91 -4.99 -21.03
CA TYR A 423 -30.26 -4.45 -20.72
C TYR A 423 -30.96 -4.00 -21.99
N ILE A 424 -30.18 -3.42 -22.90
CA ILE A 424 -30.74 -2.98 -24.20
C ILE A 424 -30.83 -4.16 -25.17
N THR A 425 -29.77 -4.97 -25.27
CA THR A 425 -29.74 -6.04 -26.29
C THR A 425 -30.83 -7.11 -26.15
N LEU A 426 -31.11 -7.59 -24.94
CA LEU A 426 -32.08 -8.71 -24.80
C LEU A 426 -33.46 -8.18 -24.45
N GLY A 427 -33.56 -7.45 -23.34
CA GLY A 427 -34.83 -6.92 -22.81
C GLY A 427 -34.85 -6.97 -21.29
N ALA A 428 -35.73 -6.18 -20.67
CA ALA A 428 -35.71 -6.07 -19.18
C ALA A 428 -36.04 -7.40 -18.49
N GLU A 429 -37.12 -8.08 -18.92
CA GLU A 429 -37.47 -9.35 -18.23
C GLU A 429 -36.36 -10.36 -18.47
N ALA A 430 -35.52 -10.13 -19.48
CA ALA A 430 -34.51 -11.16 -19.81
C ALA A 430 -33.55 -11.36 -18.63
N PHE A 431 -33.10 -10.26 -18.02
CA PHE A 431 -32.08 -10.39 -16.95
C PHE A 431 -32.66 -11.15 -15.77
N LEU A 432 -33.86 -10.79 -15.37
CA LEU A 432 -34.44 -11.41 -14.16
C LEU A 432 -34.57 -12.91 -14.44
N LEU A 433 -35.03 -13.26 -15.64
CA LEU A 433 -35.09 -14.70 -15.99
C LEU A 433 -33.67 -15.25 -16.09
N ARG A 434 -32.78 -14.57 -16.80
CA ARG A 434 -31.40 -15.12 -17.01
C ARG A 434 -30.64 -15.22 -15.69
N LEU A 435 -30.70 -14.17 -14.87
CA LEU A 435 -29.91 -14.19 -13.61
C LEU A 435 -30.52 -15.23 -12.68
N TYR A 436 -31.82 -15.08 -12.42
CA TYR A 436 -32.49 -15.97 -11.43
C TYR A 436 -32.14 -17.42 -11.79
N ARG A 437 -32.14 -17.73 -13.08
CA ARG A 437 -31.81 -19.11 -13.52
C ARG A 437 -30.51 -19.56 -12.86
N LYS A 438 -29.41 -18.90 -13.20
CA LYS A 438 -28.05 -19.39 -12.85
C LYS A 438 -27.86 -19.61 -11.34
N THR A 439 -28.34 -18.69 -10.51
CA THR A 439 -28.06 -18.81 -9.05
C THR A 439 -29.11 -19.70 -8.38
N PHE A 440 -30.33 -19.68 -8.91
CA PHE A 440 -31.51 -20.35 -8.31
C PHE A 440 -31.69 -19.88 -6.86
N LEU A 551 -23.04 4.05 -33.61
CA LEU A 551 -24.31 3.93 -32.85
C LEU A 551 -24.11 3.11 -31.59
N THR A 552 -24.46 3.66 -30.43
CA THR A 552 -24.39 2.88 -29.16
C THR A 552 -23.02 2.32 -28.80
N ILE A 553 -21.93 3.08 -28.92
CA ILE A 553 -20.61 2.60 -28.41
C ILE A 553 -20.57 2.87 -26.91
N ILE A 554 -20.11 1.92 -26.10
CA ILE A 554 -20.05 2.09 -24.63
C ILE A 554 -18.64 1.77 -24.14
N HIS A 555 -17.98 2.72 -23.47
CA HIS A 555 -16.61 2.51 -22.95
C HIS A 555 -16.58 2.90 -21.47
N PRO A 556 -15.85 2.18 -20.60
CA PRO A 556 -15.89 2.47 -19.15
C PRO A 556 -15.12 3.76 -18.82
N LEU A 557 -15.54 4.47 -17.76
CA LEU A 557 -14.97 5.81 -17.48
C LEU A 557 -13.62 5.74 -16.76
N LEU A 558 -13.47 4.84 -15.78
CA LEU A 558 -12.23 4.86 -14.96
C LEU A 558 -11.63 3.47 -14.76
N GLY A 559 -10.34 3.43 -14.41
CA GLY A 559 -9.70 2.20 -13.95
C GLY A 559 -8.29 2.45 -13.44
N CYS A 560 -7.65 1.45 -12.84
CA CYS A 560 -6.17 1.47 -12.73
C CYS A 560 -5.59 1.43 -14.15
N SER A 561 -6.44 1.28 -15.16
CA SER A 561 -6.01 1.29 -16.58
C SER A 561 -5.51 2.68 -16.98
N ASP A 562 -5.01 2.81 -18.21
CA ASP A 562 -4.43 4.08 -18.71
C ASP A 562 -5.48 5.18 -18.64
N PRO A 563 -5.26 6.26 -17.86
CA PRO A 563 -6.19 7.38 -17.82
C PRO A 563 -6.27 8.00 -19.22
N TYR A 564 -5.14 8.01 -19.94
CA TYR A 564 -5.11 8.59 -21.30
C TYR A 564 -5.68 7.54 -22.27
N ALA A 565 -7.00 7.38 -22.27
CA ALA A 565 -7.67 6.41 -23.16
C ALA A 565 -9.03 6.97 -23.60
N LEU A 566 -9.92 7.18 -22.64
CA LEU A 566 -11.25 7.75 -22.95
C LEU A 566 -11.09 9.00 -23.81
N THR A 567 -10.07 9.80 -23.52
CA THR A 567 -9.81 11.02 -24.32
C THR A 567 -9.49 10.58 -25.76
N ARG A 568 -8.73 9.50 -25.90
CA ARG A 568 -8.43 8.97 -27.26
C ARG A 568 -9.76 8.65 -27.93
N VAL A 569 -10.63 7.94 -27.22
CA VAL A 569 -11.95 7.57 -27.80
C VAL A 569 -12.74 8.84 -28.13
N LEU A 570 -12.53 9.91 -27.36
CA LEU A 570 -13.41 11.10 -27.54
C LEU A 570 -13.08 11.70 -28.90
N HIS A 571 -11.79 11.94 -29.17
CA HIS A 571 -11.41 12.41 -30.52
C HIS A 571 -11.79 11.32 -31.52
N GLU A 572 -11.65 10.06 -31.10
CA GLU A 572 -12.00 8.92 -31.99
C GLU A 572 -13.38 9.11 -32.62
N VAL A 573 -14.44 9.27 -31.82
CA VAL A 573 -15.79 9.21 -32.45
C VAL A 573 -16.50 10.48 -32.05
N GLU A 574 -16.42 11.50 -32.91
CA GLU A 574 -17.01 12.81 -32.59
C GLU A 574 -18.45 12.58 -32.12
N PRO A 575 -18.79 12.85 -30.84
CA PRO A 575 -20.12 12.55 -30.36
C PRO A 575 -21.03 13.77 -30.46
N ARG A 576 -22.08 13.69 -31.29
CA ARG A 576 -23.09 14.78 -31.38
C ARG A 576 -23.79 14.90 -30.02
N TYR A 577 -24.26 13.77 -29.49
CA TYR A 577 -24.96 13.79 -28.18
C TYR A 577 -24.27 12.81 -27.22
N VAL A 578 -23.99 13.25 -26.00
CA VAL A 578 -23.27 12.39 -25.01
C VAL A 578 -24.12 12.23 -23.76
N VAL A 579 -23.99 11.07 -23.11
CA VAL A 579 -24.92 10.63 -22.03
C VAL A 579 -24.03 10.01 -20.98
N LEU A 580 -24.10 10.51 -19.74
CA LEU A 580 -23.03 10.18 -18.76
C LEU A 580 -23.63 9.56 -17.50
N TYR A 581 -23.25 8.33 -17.17
CA TYR A 581 -23.68 7.75 -15.87
C TYR A 581 -22.85 8.49 -14.81
N ASP A 582 -23.32 8.52 -13.55
CA ASP A 582 -22.61 9.27 -12.49
C ASP A 582 -21.08 9.16 -12.65
N ALA A 583 -20.40 10.30 -12.68
CA ALA A 583 -18.95 10.35 -12.99
C ALA A 583 -18.25 11.35 -12.06
N GLU A 584 -16.93 11.26 -11.98
CA GLU A 584 -16.18 12.20 -11.12
C GLU A 584 -15.78 13.45 -11.91
N LEU A 585 -15.41 14.53 -11.21
CA LEU A 585 -15.06 15.79 -11.89
C LEU A 585 -14.28 15.46 -13.16
N THR A 586 -13.17 14.73 -13.01
CA THR A 586 -12.17 14.69 -14.06
C THR A 586 -12.84 14.56 -15.40
N PHE A 587 -13.93 13.81 -15.49
CA PHE A 587 -14.47 13.72 -16.86
C PHE A 587 -15.09 15.06 -17.26
N VAL A 588 -16.04 15.55 -16.45
CA VAL A 588 -16.92 16.67 -16.87
C VAL A 588 -16.06 17.77 -17.49
N ARG A 589 -15.02 18.21 -16.78
CA ARG A 589 -14.21 19.34 -17.28
C ARG A 589 -13.55 18.96 -18.61
N GLN A 590 -13.03 17.73 -18.70
CA GLN A 590 -12.31 17.31 -19.93
C GLN A 590 -13.19 17.69 -21.14
N LEU A 591 -14.51 17.71 -20.95
CA LEU A 591 -15.43 17.87 -22.10
C LEU A 591 -15.46 19.32 -22.57
N GLU A 592 -15.37 20.26 -21.63
CA GLU A 592 -15.37 21.69 -22.00
C GLU A 592 -14.14 21.96 -22.87
N ILE A 593 -13.00 21.40 -22.48
CA ILE A 593 -11.74 21.60 -23.26
C ILE A 593 -11.96 20.99 -24.65
N TYR A 594 -12.73 19.89 -24.70
CA TYR A 594 -13.06 19.30 -26.02
C TYR A 594 -13.86 20.33 -26.83
N ARG A 595 -14.48 21.30 -26.16
CA ARG A 595 -15.14 22.38 -26.93
C ARG A 595 -14.08 23.39 -27.35
N ALA A 596 -13.11 22.94 -28.15
CA ALA A 596 -12.03 23.83 -28.63
C ALA A 596 -12.39 24.23 -30.05
N SER A 597 -13.12 23.37 -30.77
CA SER A 597 -13.55 23.77 -32.13
C SER A 597 -14.85 24.57 -32.05
N ARG A 598 -14.81 25.83 -32.51
CA ARG A 598 -15.88 26.80 -32.18
C ARG A 598 -17.10 26.48 -33.03
N PRO A 599 -16.96 26.29 -34.35
CA PRO A 599 -18.08 26.03 -35.25
C PRO A 599 -18.82 24.72 -35.00
N GLY A 600 -18.13 23.70 -34.47
CA GLY A 600 -18.75 22.37 -34.33
C GLY A 600 -20.03 22.43 -33.53
N LYS A 601 -21.04 21.67 -33.95
CA LYS A 601 -22.37 21.74 -33.29
C LYS A 601 -22.19 21.41 -31.81
N PRO A 602 -22.87 22.16 -30.89
CA PRO A 602 -22.79 22.03 -29.40
C PRO A 602 -23.06 20.60 -28.94
N LEU A 603 -22.04 19.92 -28.42
CA LEU A 603 -22.26 18.57 -27.86
C LEU A 603 -23.24 18.73 -26.70
N ARG A 604 -24.28 17.90 -26.65
CA ARG A 604 -25.29 18.07 -25.57
C ARG A 604 -25.07 16.96 -24.55
N VAL A 605 -24.57 17.32 -23.37
CA VAL A 605 -24.38 16.31 -22.28
C VAL A 605 -25.72 16.15 -21.56
N TYR A 606 -25.96 14.98 -20.98
CA TYR A 606 -27.19 14.81 -20.17
C TYR A 606 -26.76 14.28 -18.79
N PHE A 607 -26.62 15.15 -17.80
CA PHE A 607 -26.32 14.59 -16.48
C PHE A 607 -27.47 13.71 -16.02
N LEU A 608 -27.17 12.80 -15.11
CA LEU A 608 -28.19 12.05 -14.40
C LEU A 608 -27.88 12.07 -12.92
N ILE A 609 -28.91 12.27 -12.10
CA ILE A 609 -28.73 12.48 -10.67
C ILE A 609 -29.80 11.69 -9.93
N TYR A 610 -29.38 10.86 -8.99
CA TYR A 610 -30.30 10.27 -8.02
C TYR A 610 -30.65 11.34 -6.99
N GLY A 611 -31.93 11.53 -6.74
CA GLY A 611 -32.37 12.60 -5.86
C GLY A 611 -32.07 12.36 -4.40
N GLY A 612 -31.09 13.08 -3.85
CA GLY A 612 -30.72 12.94 -2.46
C GLY A 612 -30.06 11.62 -2.15
N SER A 613 -28.87 11.40 -2.69
CA SER A 613 -28.25 10.09 -2.59
C SER A 613 -26.75 10.17 -2.35
N THR A 614 -26.07 9.04 -2.55
CA THR A 614 -24.67 8.95 -2.23
C THR A 614 -23.79 9.53 -3.34
N GLU A 615 -24.15 9.27 -4.60
CA GLU A 615 -23.36 9.78 -5.71
C GLU A 615 -23.44 11.30 -5.82
N GLU A 616 -24.62 11.87 -5.61
CA GLU A 616 -24.76 13.32 -5.59
C GLU A 616 -24.01 13.95 -4.44
N GLN A 617 -24.09 13.30 -3.27
CA GLN A 617 -23.27 13.67 -2.10
C GLN A 617 -21.79 13.52 -2.49
N ARG A 618 -21.43 12.39 -3.09
CA ARG A 618 -19.99 12.16 -3.41
C ARG A 618 -19.53 13.24 -4.37
N TYR A 619 -20.36 13.59 -5.36
CA TYR A 619 -20.00 14.64 -6.35
C TYR A 619 -19.94 15.99 -5.62
N LEU A 620 -21.09 16.43 -5.08
CA LEU A 620 -21.17 17.83 -4.56
C LEU A 620 -20.11 18.14 -3.50
N THR A 621 -19.86 17.25 -2.55
CA THR A 621 -18.92 17.59 -1.44
C THR A 621 -17.57 17.94 -2.04
N ALA A 622 -17.02 16.98 -2.75
CA ALA A 622 -15.69 16.97 -3.41
C ALA A 622 -15.54 18.22 -4.27
N LEU A 623 -16.61 18.60 -4.98
CA LEU A 623 -16.56 19.85 -5.78
C LEU A 623 -16.36 21.03 -4.83
N ARG A 624 -17.08 21.04 -3.70
CA ARG A 624 -16.90 22.11 -2.68
C ARG A 624 -15.49 22.00 -2.10
N LYS A 625 -15.02 20.77 -1.87
CA LYS A 625 -13.66 20.55 -1.28
C LYS A 625 -12.63 21.30 -2.12
N GLU A 626 -12.69 21.17 -3.44
CA GLU A 626 -11.71 21.89 -4.29
C GLU A 626 -11.84 23.39 -4.05
N LYS A 627 -13.08 23.88 -3.94
CA LYS A 627 -13.34 25.35 -3.98
C LYS A 627 -12.67 26.02 -2.77
N GLU A 628 -12.78 25.42 -1.58
CA GLU A 628 -12.09 25.99 -0.41
C GLU A 628 -10.60 25.86 -0.68
N ALA A 629 -10.21 24.71 -1.24
CA ALA A 629 -8.79 24.32 -1.34
C ALA A 629 -8.01 25.41 -2.08
N PHE A 630 -8.44 25.73 -3.31
CA PHE A 630 -7.64 26.67 -4.14
C PHE A 630 -7.57 28.01 -3.42
N GLU A 631 -8.68 28.38 -2.78
CA GLU A 631 -8.84 29.76 -2.21
C GLU A 631 -7.76 30.01 -1.17
N LYS A 632 -7.50 29.03 -0.29
CA LYS A 632 -6.53 29.26 0.80
C LYS A 632 -5.18 29.58 0.18
N LEU A 633 -4.83 28.87 -0.90
CA LEU A 633 -3.55 29.14 -1.60
C LEU A 633 -3.40 30.65 -1.86
N ILE A 634 -4.37 31.30 -2.52
CA ILE A 634 -4.12 32.67 -2.95
C ILE A 634 -3.75 33.54 -1.75
N ARG A 635 -4.33 33.24 -0.59
CA ARG A 635 -4.01 33.97 0.63
C ARG A 635 -2.59 33.68 1.13
N GLU A 636 -2.00 32.55 0.76
CA GLU A 636 -0.61 32.29 1.07
C GLU A 636 0.35 32.83 0.02
N LYS A 637 -0.10 32.96 -1.23
CA LYS A 637 0.73 33.65 -2.21
C LYS A 637 0.81 35.14 -1.89
N ALA A 638 -0.27 35.70 -1.36
CA ALA A 638 -0.29 37.13 -1.06
C ALA A 638 0.31 37.47 0.30
N SER A 639 1.18 36.62 0.84
CA SER A 639 1.81 36.87 2.13
C SER A 639 3.32 36.71 2.13
N MET A 640 3.93 36.39 0.99
CA MET A 640 5.38 36.23 0.97
C MET A 640 6.10 37.59 0.99
N VAL A 641 5.51 38.59 0.34
CA VAL A 641 6.11 39.90 0.27
C VAL A 641 5.91 40.65 1.57
N THR A 680 41.01 13.13 4.47
CA THR A 680 40.52 11.77 4.62
C THR A 680 39.00 11.75 4.74
N GLN A 681 38.34 11.03 3.84
CA GLN A 681 36.89 10.87 3.86
C GLN A 681 36.54 9.39 3.91
N GLN A 682 35.34 9.10 4.38
CA GLN A 682 34.91 7.73 4.65
C GLN A 682 33.86 7.29 3.65
N SER A 683 33.34 6.09 3.88
CA SER A 683 32.26 5.56 3.05
C SER A 683 31.43 4.60 3.88
N ILE A 684 30.24 4.27 3.37
CA ILE A 684 29.33 3.31 3.99
C ILE A 684 28.65 2.54 2.87
N VAL A 685 28.84 1.24 2.79
CA VAL A 685 28.13 0.49 1.70
C VAL A 685 26.63 0.52 2.02
N VAL A 686 25.79 0.88 1.06
CA VAL A 686 24.33 1.04 1.36
C VAL A 686 23.50 0.04 0.58
N ASP A 687 22.50 -0.55 1.23
CA ASP A 687 21.63 -1.56 0.57
C ASP A 687 20.53 -0.87 -0.22
N MET A 688 20.38 -1.27 -1.49
CA MET A 688 19.35 -0.75 -2.43
C MET A 688 18.02 -0.55 -1.71
N ARG A 689 17.47 -1.61 -1.10
CA ARG A 689 16.07 -1.62 -0.65
C ARG A 689 15.86 -0.56 0.43
N GLU A 690 16.96 -0.04 0.99
CA GLU A 690 16.85 0.82 2.20
C GLU A 690 16.76 2.28 1.78
N PHE A 691 16.93 2.55 0.48
CA PHE A 691 16.95 3.95 -0.02
C PHE A 691 15.59 4.59 0.26
N ARG A 692 14.56 3.77 0.49
CA ARG A 692 13.19 4.30 0.71
C ARG A 692 13.04 4.68 2.19
N SER A 693 13.78 5.70 2.64
CA SER A 693 13.70 6.16 4.05
C SER A 693 14.67 7.32 4.23
N GLU A 694 14.41 8.20 5.20
CA GLU A 694 15.09 9.49 5.20
C GLU A 694 16.54 9.39 5.65
N LEU A 695 16.99 8.24 6.11
CA LEU A 695 18.31 8.07 6.71
C LEU A 695 19.49 8.21 5.74
N PRO A 696 19.45 7.75 4.49
CA PRO A 696 20.55 8.09 3.59
C PRO A 696 20.61 9.55 3.21
N SER A 697 19.49 10.27 3.28
CA SER A 697 19.55 11.70 3.01
C SER A 697 20.13 12.47 4.19
N LEU A 698 20.15 11.86 5.38
CA LEU A 698 20.78 12.49 6.53
C LEU A 698 22.21 12.02 6.73
N ILE A 699 22.59 10.89 6.15
CA ILE A 699 23.99 10.49 6.19
C ILE A 699 24.81 11.37 5.26
N HIS A 700 24.31 11.60 4.04
CA HIS A 700 25.08 12.30 3.01
C HIS A 700 25.34 13.76 3.34
N ARG A 701 24.56 14.35 4.24
CA ARG A 701 24.77 15.75 4.57
C ARG A 701 26.03 15.94 5.41
N ARG A 702 26.41 14.94 6.18
CA ARG A 702 27.53 15.12 7.08
C ARG A 702 28.88 14.94 6.41
N GLY A 703 28.93 14.37 5.22
CA GLY A 703 30.17 14.25 4.47
C GLY A 703 30.57 12.83 4.14
N ILE A 704 30.11 11.85 4.90
CA ILE A 704 30.46 10.47 4.64
C ILE A 704 29.71 9.99 3.40
N ASP A 705 30.49 9.56 2.40
CA ASP A 705 30.03 9.33 1.00
C ASP A 705 29.32 7.97 0.90
N ILE A 706 28.37 7.83 -0.04
CA ILE A 706 27.57 6.58 -0.11
C ILE A 706 27.69 5.95 -1.50
N GLU A 707 27.97 4.63 -1.58
CA GLU A 707 27.99 3.92 -2.89
C GLU A 707 26.91 2.85 -2.82
N PRO A 708 26.03 2.66 -3.87
CA PRO A 708 24.79 1.80 -3.84
C PRO A 708 24.90 0.43 -4.54
N VAL A 709 24.54 -0.65 -3.85
CA VAL A 709 24.52 -2.01 -4.46
C VAL A 709 23.57 -2.89 -3.63
N THR A 710 23.16 -4.05 -4.16
CA THR A 710 22.19 -4.92 -3.45
C THR A 710 22.89 -5.67 -2.30
N LEU A 711 22.12 -6.19 -1.34
CA LEU A 711 22.71 -7.00 -0.28
C LEU A 711 21.80 -8.17 0.04
N GLU A 712 22.26 -9.03 0.94
CA GLU A 712 21.49 -10.17 1.40
C GLU A 712 21.53 -10.34 2.92
N VAL A 713 22.52 -9.78 3.59
CA VAL A 713 22.66 -9.94 5.04
C VAL A 713 22.95 -8.60 5.72
N GLY A 714 21.91 -7.94 6.18
CA GLY A 714 22.07 -6.71 6.92
C GLY A 714 21.92 -5.47 6.06
N ASP A 715 21.59 -4.36 6.73
CA ASP A 715 21.31 -3.11 6.06
C ASP A 715 22.57 -2.32 5.75
N TYR A 716 23.33 -1.94 6.76
CA TYR A 716 24.55 -1.18 6.50
C TYR A 716 25.78 -1.97 6.89
N ILE A 717 26.91 -1.60 6.30
CA ILE A 717 28.20 -2.14 6.67
C ILE A 717 29.13 -0.98 7.00
N LEU A 718 29.30 -0.69 8.30
CA LEU A 718 30.02 0.52 8.68
C LEU A 718 31.52 0.38 8.50
N THR A 719 32.05 -0.82 8.62
CA THR A 719 33.49 -1.04 8.66
C THR A 719 33.72 -2.49 8.26
N PRO A 720 34.99 -2.87 7.93
CA PRO A 720 35.30 -4.29 7.67
C PRO A 720 34.79 -5.33 8.65
N GLU A 721 34.62 -5.00 9.92
CA GLU A 721 34.01 -5.91 10.87
C GLU A 721 32.91 -5.20 11.66
N MET A 722 31.73 -5.11 11.05
CA MET A 722 30.46 -4.66 11.64
C MET A 722 29.38 -4.88 10.60
N CYS A 723 28.15 -5.00 11.07
CA CYS A 723 27.01 -5.19 10.18
C CYS A 723 25.76 -4.78 10.95
N VAL A 724 25.03 -3.80 10.44
CA VAL A 724 23.89 -3.24 11.14
C VAL A 724 22.62 -3.63 10.39
N GLU A 725 21.63 -4.09 11.14
CA GLU A 725 20.32 -4.43 10.59
C GLU A 725 19.29 -3.57 11.33
N ARG A 726 18.85 -2.49 10.69
CA ARG A 726 17.99 -1.52 11.35
C ARG A 726 16.54 -2.01 11.40
N LYS A 727 15.92 -1.89 12.57
CA LYS A 727 14.52 -2.28 12.71
C LYS A 727 13.84 -1.36 13.70
N SER A 728 12.66 -0.85 13.34
CA SER A 728 11.90 0.03 14.20
C SER A 728 11.16 -0.78 15.28
N ILE A 729 10.36 -0.08 16.08
CA ILE A 729 9.75 -0.68 17.27
C ILE A 729 8.56 -1.55 16.88
N SER A 730 7.99 -1.32 15.70
CA SER A 730 6.91 -2.18 15.23
C SER A 730 7.43 -3.37 14.45
N ASP A 731 8.49 -3.17 13.66
CA ASP A 731 9.06 -4.28 12.92
C ASP A 731 9.78 -5.26 13.85
N LEU A 732 10.20 -4.80 15.03
CA LEU A 732 10.73 -5.71 16.04
C LEU A 732 9.64 -6.63 16.57
N ILE A 733 8.48 -6.06 16.92
CA ILE A 733 7.35 -6.85 17.40
C ILE A 733 6.86 -7.79 16.31
N GLY A 734 6.91 -7.34 15.06
CA GLY A 734 6.51 -8.21 13.96
C GLY A 734 7.47 -9.35 13.73
N SER A 735 8.75 -9.05 13.53
CA SER A 735 9.76 -10.05 13.21
C SER A 735 10.25 -10.83 14.41
N LEU A 736 9.71 -10.58 15.61
CA LEU A 736 9.97 -11.44 16.74
C LEU A 736 8.89 -12.48 16.98
N ASN A 737 7.67 -12.24 16.50
CA ASN A 737 6.61 -13.23 16.57
C ASN A 737 6.42 -13.97 15.25
N ASN A 738 6.76 -13.34 14.12
CA ASN A 738 6.75 -14.03 12.85
C ASN A 738 7.83 -15.10 12.79
N GLY A 739 8.99 -14.83 13.37
CA GLY A 739 10.08 -15.79 13.36
C GLY A 739 10.95 -15.67 12.13
N ARG A 740 11.53 -14.49 11.92
CA ARG A 740 12.52 -14.33 10.87
C ARG A 740 13.81 -13.67 11.32
N LEU A 741 13.81 -12.93 12.43
CA LEU A 741 15.06 -12.37 12.94
C LEU A 741 15.98 -13.47 13.47
N TYR A 742 15.39 -14.54 14.02
CA TYR A 742 16.19 -15.66 14.47
C TYR A 742 16.84 -16.41 13.32
N SER A 743 16.20 -16.41 12.15
CA SER A 743 16.79 -17.00 10.96
C SER A 743 17.69 -16.02 10.22
N GLN A 744 17.93 -14.84 10.80
CA GLN A 744 18.76 -13.78 10.25
C GLN A 744 20.05 -13.58 11.03
N CYS A 745 19.96 -13.53 12.36
CA CYS A 745 21.15 -13.40 13.19
C CYS A 745 22.01 -14.65 13.16
N ILE A 746 21.42 -15.81 12.88
CA ILE A 746 22.18 -17.04 12.72
C ILE A 746 23.06 -16.99 11.47
N SER A 747 22.68 -16.15 10.50
CA SER A 747 23.51 -15.96 9.32
C SER A 747 24.50 -14.81 9.53
N MET A 748 24.05 -13.77 10.23
CA MET A 748 24.90 -12.59 10.43
C MET A 748 26.08 -12.91 11.32
N SER A 749 25.85 -13.65 12.40
CA SER A 749 26.95 -14.02 13.29
C SER A 749 27.85 -15.07 12.65
N ARG A 750 27.31 -15.82 11.70
CA ARG A 750 28.14 -16.78 10.99
C ARG A 750 29.09 -16.08 10.03
N TYR A 751 28.58 -15.05 9.35
CA TYR A 751 29.31 -14.41 8.21
C TYR A 751 30.26 -13.33 8.73
N TYR A 752 29.74 -12.43 9.57
CA TYR A 752 30.47 -11.23 9.96
C TYR A 752 30.95 -11.36 11.39
N LYS A 753 31.81 -10.43 11.80
CA LYS A 753 32.50 -10.60 13.07
C LYS A 753 31.64 -10.15 14.25
N ARG A 754 31.22 -8.89 14.27
CA ARG A 754 30.46 -8.42 15.42
C ARG A 754 29.13 -7.79 15.01
N PRO A 755 28.04 -8.55 15.09
CA PRO A 755 26.75 -8.04 14.64
C PRO A 755 26.08 -7.17 15.68
N VAL A 756 25.44 -6.10 15.23
CA VAL A 756 24.65 -5.23 16.11
C VAL A 756 23.23 -5.21 15.57
N LEU A 757 22.34 -4.57 16.31
CA LEU A 757 21.05 -4.17 15.76
C LEU A 757 20.58 -2.88 16.41
N LEU A 758 19.97 -2.03 15.59
CA LEU A 758 19.64 -0.66 15.94
C LEU A 758 18.14 -0.56 16.14
N ILE A 759 17.72 -0.17 17.33
CA ILE A 759 16.31 -0.08 17.67
C ILE A 759 15.98 1.39 17.88
N GLU A 760 14.95 1.88 17.18
CA GLU A 760 14.53 3.27 17.28
C GLU A 760 13.21 3.37 18.01
N PHE A 761 13.23 3.82 19.26
CA PHE A 761 11.98 4.08 19.95
C PHE A 761 11.46 5.47 19.59
N ASP A 762 10.51 5.97 20.36
CA ASP A 762 10.05 7.32 20.15
C ASP A 762 9.87 7.99 21.50
N PRO A 763 10.46 9.16 21.72
CA PRO A 763 10.47 9.75 23.06
C PRO A 763 9.15 10.34 23.49
N SER A 764 8.18 10.50 22.58
CA SER A 764 6.88 11.02 22.98
C SER A 764 6.02 9.91 23.57
N LYS A 765 5.82 8.83 22.81
CA LYS A 765 4.97 7.73 23.25
C LYS A 765 5.81 6.48 23.45
N PRO A 766 6.25 6.18 24.67
CA PRO A 766 7.04 4.95 24.89
C PRO A 766 6.12 3.76 25.09
N PHE A 767 6.14 2.84 24.13
CA PHE A 767 5.48 1.56 24.32
C PHE A 767 6.24 0.75 25.36
N SER A 768 5.52 0.24 26.36
CA SER A 768 6.19 -0.29 27.54
C SER A 768 6.74 -1.69 27.31
N LEU A 769 6.35 -2.36 26.22
CA LEU A 769 6.77 -3.72 25.83
C LEU A 769 6.43 -4.78 26.87
N THR A 770 5.54 -4.51 27.80
CA THR A 770 5.10 -5.49 28.80
C THR A 770 3.71 -5.11 29.26
N SER A 771 2.80 -6.10 29.29
CA SER A 771 1.49 -5.91 29.89
C SER A 771 1.68 -5.80 31.40
N ARG A 772 1.28 -4.66 31.97
CA ARG A 772 1.61 -4.38 33.37
C ARG A 772 0.80 -5.25 34.33
N GLY A 773 -0.48 -5.49 34.02
CA GLY A 773 -1.29 -6.33 34.88
C GLY A 773 -0.89 -7.79 34.80
N ALA A 774 -0.52 -8.26 33.60
CA ALA A 774 0.01 -9.61 33.46
C ALA A 774 1.36 -9.74 34.15
N LEU A 775 2.14 -8.66 34.16
CA LEU A 775 3.37 -8.64 34.94
C LEU A 775 3.07 -8.69 36.44
N PHE A 776 1.96 -8.09 36.85
CA PHE A 776 1.53 -8.15 38.23
C PHE A 776 0.89 -9.47 38.60
N GLN A 777 0.51 -10.29 37.61
CA GLN A 777 -0.17 -11.54 37.92
C GLN A 777 0.59 -12.76 37.43
N GLU A 778 0.92 -12.80 36.14
CA GLU A 778 1.36 -14.04 35.52
C GLU A 778 2.85 -14.28 35.76
N ILE A 779 3.39 -15.29 35.07
CA ILE A 779 4.81 -15.62 35.14
C ILE A 779 5.63 -14.94 34.07
N SER A 780 5.01 -13.99 33.36
CA SER A 780 5.63 -13.18 32.31
C SER A 780 6.21 -14.04 31.19
N SER A 781 5.32 -14.70 30.45
CA SER A 781 5.70 -15.43 29.26
C SER A 781 4.83 -14.98 28.09
N ASN A 782 5.34 -15.24 26.88
CA ASN A 782 4.72 -14.86 25.60
C ASN A 782 4.48 -13.35 25.52
N ASP A 783 5.56 -12.58 25.55
CA ASP A 783 5.53 -11.15 25.30
C ASP A 783 6.73 -10.78 24.45
N ILE A 784 6.92 -9.47 24.26
CA ILE A 784 8.04 -9.02 23.46
C ILE A 784 9.33 -9.07 24.28
N SER A 785 9.22 -8.78 25.57
CA SER A 785 10.40 -8.72 26.42
C SER A 785 11.00 -10.10 26.62
N SER A 786 10.15 -11.11 26.85
CA SER A 786 10.65 -12.47 27.06
C SER A 786 11.28 -13.03 25.80
N LYS A 787 10.67 -12.78 24.64
CA LYS A 787 11.26 -13.25 23.39
C LYS A 787 12.47 -12.42 22.99
N LEU A 788 12.64 -11.22 23.53
CA LEU A 788 13.87 -10.48 23.30
C LEU A 788 15.01 -11.03 24.15
N THR A 789 14.71 -11.34 25.42
CA THR A 789 15.72 -11.91 26.30
C THR A 789 16.15 -13.29 25.84
N LEU A 790 15.21 -14.08 25.34
CA LEU A 790 15.56 -15.41 24.84
C LEU A 790 16.39 -15.30 23.58
N LEU A 791 16.25 -14.21 22.82
CA LEU A 791 17.10 -14.03 21.66
C LEU A 791 18.50 -13.60 22.08
N THR A 792 18.60 -12.77 23.10
CA THR A 792 19.94 -12.31 23.47
C THR A 792 20.67 -13.35 24.30
N LEU A 793 19.96 -14.35 24.83
CA LEU A 793 20.61 -15.34 25.68
C LEU A 793 21.44 -16.32 24.86
N HIS A 794 21.00 -16.62 23.64
CA HIS A 794 21.71 -17.59 22.82
C HIS A 794 22.99 -17.00 22.26
N PHE A 795 22.91 -15.82 21.65
CA PHE A 795 24.06 -15.18 21.06
C PHE A 795 24.74 -14.34 22.13
N PRO A 796 25.98 -14.64 22.51
CA PRO A 796 26.66 -13.75 23.43
C PRO A 796 27.29 -12.56 22.74
N ARG A 797 27.43 -12.60 21.41
CA ARG A 797 28.19 -11.61 20.67
C ARG A 797 27.32 -10.57 20.00
N LEU A 798 26.00 -10.65 20.15
CA LEU A 798 25.14 -9.63 19.59
C LEU A 798 25.26 -8.34 20.40
N ARG A 799 25.19 -7.21 19.70
CA ARG A 799 25.17 -5.92 20.37
C ARG A 799 23.90 -5.18 20.01
N ILE A 800 23.36 -4.43 20.96
CA ILE A 800 22.13 -3.68 20.76
C ILE A 800 22.46 -2.21 20.87
N LEU A 801 22.00 -1.41 19.91
CA LEU A 801 22.14 0.03 19.96
C LEU A 801 20.76 0.66 19.91
N TRP A 802 20.38 1.36 20.97
CA TRP A 802 19.12 2.08 21.02
C TRP A 802 19.37 3.51 20.58
N CYS A 803 18.48 4.06 19.75
CA CYS A 803 18.64 5.44 19.31
C CYS A 803 17.28 6.13 19.32
N PRO A 804 17.22 7.40 19.69
CA PRO A 804 15.90 8.03 19.90
C PRO A 804 15.21 8.54 18.64
N SER A 805 15.96 9.01 17.65
CA SER A 805 15.35 9.63 16.47
C SER A 805 16.27 9.49 15.26
N PRO A 806 15.74 9.53 14.03
CA PRO A 806 16.61 9.38 12.85
C PRO A 806 17.57 10.53 12.59
N HIS A 807 17.50 11.63 13.35
CA HIS A 807 18.59 12.59 13.28
C HIS A 807 19.76 12.16 14.16
N ALA A 808 19.51 11.26 15.12
CA ALA A 808 20.58 10.85 16.01
C ALA A 808 21.42 9.71 15.41
N THR A 809 20.83 8.95 14.49
CA THR A 809 21.54 7.84 13.87
C THR A 809 22.69 8.34 13.03
N ALA A 810 22.51 9.48 12.36
CA ALA A 810 23.57 10.03 11.53
C ALA A 810 24.74 10.52 12.35
N GLU A 811 24.49 10.87 13.62
CA GLU A 811 25.58 11.26 14.50
C GLU A 811 26.26 10.02 15.09
N LEU A 812 25.45 9.03 15.47
CA LEU A 812 25.98 7.81 16.06
C LEU A 812 26.82 7.01 15.07
N PHE A 813 26.54 7.17 13.78
CA PHE A 813 27.34 6.47 12.78
C PHE A 813 28.70 7.11 12.64
N GLU A 814 28.76 8.45 12.66
CA GLU A 814 30.05 9.10 12.46
C GLU A 814 30.92 9.00 13.70
N GLU A 815 30.33 8.86 14.88
CA GLU A 815 31.19 8.64 16.04
C GLU A 815 31.71 7.21 16.09
N LEU A 816 31.01 6.26 15.46
CA LEU A 816 31.33 4.86 15.69
C LEU A 816 32.49 4.40 14.81
N LYS A 817 32.60 4.95 13.60
CA LYS A 817 33.77 4.64 12.77
C LYS A 817 34.76 5.80 12.87
N GLN A 818 35.51 5.79 13.97
CA GLN A 818 36.42 6.87 14.27
C GLN A 818 37.85 6.60 13.80
N SER A 819 38.35 5.38 13.93
CA SER A 819 39.72 5.10 13.56
C SER A 819 39.83 3.81 12.76
N LYS A 820 38.70 3.22 12.46
CA LYS A 820 38.66 1.98 11.71
C LYS A 820 38.88 2.24 10.21
N PRO A 821 39.31 1.24 9.45
CA PRO A 821 39.43 1.43 7.99
C PRO A 821 38.09 1.52 7.28
N GLN A 822 38.18 1.61 5.95
CA GLN A 822 37.03 1.97 5.08
C GLN A 822 36.49 0.68 4.43
N PRO A 823 35.22 0.29 4.68
CA PRO A 823 34.71 -0.96 4.14
C PRO A 823 34.71 -0.87 2.61
N ASP A 824 35.13 -1.93 1.94
CA ASP A 824 35.24 -1.89 0.45
C ASP A 824 34.08 -2.63 -0.19
N ALA A 825 33.66 -2.18 -1.37
CA ALA A 825 32.53 -2.76 -2.14
C ALA A 825 32.95 -4.14 -2.67
N ALA A 826 34.23 -4.30 -2.93
CA ALA A 826 34.77 -5.50 -3.61
C ALA A 826 34.45 -6.75 -2.78
N THR A 827 33.67 -7.67 -3.35
CA THR A 827 33.41 -9.00 -2.76
C THR A 827 32.35 -8.88 -1.67
N ALA A 828 31.90 -7.65 -1.39
CA ALA A 828 30.75 -7.49 -0.49
C ALA A 828 29.55 -8.13 -1.19
N LEU A 829 29.41 -7.88 -2.49
CA LEU A 829 28.38 -8.58 -3.29
C LEU A 829 28.75 -10.06 -3.42
N ALA A 830 30.06 -10.37 -3.38
CA ALA A 830 30.53 -11.77 -3.59
C ALA A 830 30.05 -12.71 -2.47
N ILE A 831 29.98 -12.25 -1.22
CA ILE A 831 29.65 -13.16 -0.10
C ILE A 831 28.28 -13.82 -0.35
N THR A 832 27.30 -13.05 -0.81
CA THR A 832 25.95 -13.60 -1.14
C THR A 832 25.49 -14.60 -0.08
N ALA A 833 24.95 -15.73 -0.54
CA ALA A 833 24.51 -16.87 0.30
C ALA A 833 24.36 -18.07 -0.65
N ASP A 834 24.18 -19.29 -0.14
CA ASP A 834 24.22 -20.46 -1.06
C ASP A 834 22.82 -21.07 -1.31
N SER A 835 22.05 -20.50 -2.25
CA SER A 835 20.72 -21.09 -2.60
C SER A 835 20.10 -20.42 -3.85
N GLU A 836 18.92 -20.88 -4.30
CA GLU A 836 18.15 -20.22 -5.40
C GLU A 836 18.36 -20.80 -6.82
N THR A 837 19.30 -21.73 -7.02
CA THR A 837 19.44 -22.38 -8.37
C THR A 837 19.67 -21.35 -9.48
N LEU A 838 18.91 -21.45 -10.59
CA LEU A 838 19.13 -20.54 -11.76
C LEU A 838 17.80 -20.13 -12.40
N PRO A 839 17.57 -18.79 -12.70
CA PRO A 839 16.27 -18.15 -12.88
C PRO A 839 15.77 -18.03 -14.33
N GLU A 840 16.63 -18.35 -15.30
CA GLU A 840 16.26 -18.22 -16.73
C GLU A 840 15.65 -19.54 -17.19
N SER A 841 15.48 -20.49 -16.27
CA SER A 841 14.96 -21.83 -16.62
C SER A 841 13.57 -21.72 -17.23
N GLU A 842 12.73 -20.83 -16.70
CA GLU A 842 11.35 -20.67 -17.22
C GLU A 842 11.24 -19.30 -17.92
N LYS A 843 10.64 -19.29 -19.11
CA LYS A 843 10.44 -18.01 -19.84
C LYS A 843 9.56 -17.13 -18.95
N TYR A 844 8.54 -17.72 -18.34
CA TYR A 844 7.75 -17.05 -17.27
C TYR A 844 8.15 -17.64 -15.92
N ASN A 845 9.43 -17.48 -15.55
CA ASN A 845 9.92 -18.10 -14.29
C ASN A 845 9.17 -17.49 -13.11
N PRO A 846 8.97 -16.14 -13.05
CA PRO A 846 8.54 -15.35 -11.84
C PRO A 846 7.08 -15.56 -11.45
N GLY A 847 6.45 -16.58 -12.01
CA GLY A 847 5.00 -16.78 -11.81
C GLY A 847 4.68 -18.11 -11.15
N PRO A 848 4.63 -19.23 -11.90
CA PRO A 848 4.21 -20.51 -11.32
C PRO A 848 5.14 -21.00 -10.20
N GLN A 849 6.46 -20.85 -10.38
CA GLN A 849 7.43 -21.36 -9.38
C GLN A 849 6.95 -20.97 -7.97
N ASP A 850 6.71 -19.67 -7.77
CA ASP A 850 6.39 -19.15 -6.42
C ASP A 850 5.26 -20.00 -5.84
N PHE A 851 4.28 -20.36 -6.67
CA PHE A 851 3.20 -21.27 -6.19
C PHE A 851 3.79 -22.67 -6.00
N LEU A 852 4.38 -23.18 -7.08
CA LEU A 852 4.64 -24.64 -7.19
C LEU A 852 5.51 -25.08 -6.02
N LEU A 853 6.32 -24.18 -5.48
CA LEU A 853 7.27 -24.56 -4.40
C LEU A 853 6.53 -24.69 -3.07
N LYS A 854 5.49 -23.88 -2.86
CA LYS A 854 4.77 -23.93 -1.59
C LYS A 854 3.83 -25.12 -1.50
N MET A 855 3.68 -25.89 -2.59
CA MET A 855 2.80 -27.04 -2.62
C MET A 855 3.37 -28.17 -1.78
N PRO A 856 2.53 -28.93 -1.08
CA PRO A 856 3.05 -30.04 -0.28
C PRO A 856 3.51 -31.20 -1.13
N GLY A 857 4.66 -31.78 -0.80
CA GLY A 857 5.18 -32.93 -1.52
C GLY A 857 6.27 -32.63 -2.50
N VAL A 858 6.87 -31.43 -2.49
CA VAL A 858 7.86 -31.08 -3.49
C VAL A 858 9.20 -30.80 -2.83
N ASN A 859 10.25 -30.77 -3.67
CA ASN A 859 11.61 -30.34 -3.28
C ASN A 859 12.14 -29.51 -4.44
N ALA A 860 13.33 -28.91 -4.30
CA ALA A 860 13.84 -28.18 -5.47
C ALA A 860 14.12 -29.12 -6.64
N LYS A 861 14.78 -30.26 -6.40
CA LYS A 861 15.19 -31.13 -7.53
C LYS A 861 13.98 -31.69 -8.28
N ASN A 862 13.03 -32.27 -7.54
CA ASN A 862 11.87 -32.90 -8.22
C ASN A 862 11.09 -31.79 -8.91
N CYS A 863 10.99 -30.62 -8.27
CA CYS A 863 10.18 -29.52 -8.84
C CYS A 863 10.80 -29.12 -10.18
N ARG A 864 12.13 -28.99 -10.21
CA ARG A 864 12.78 -28.53 -11.45
C ARG A 864 12.48 -29.55 -12.54
N SER A 865 12.62 -30.84 -12.21
CA SER A 865 12.41 -31.87 -13.27
C SER A 865 10.95 -31.87 -13.73
N LEU A 866 10.01 -31.91 -12.80
CA LEU A 866 8.58 -32.11 -13.14
C LEU A 866 8.10 -30.87 -13.90
N MET A 867 8.52 -29.70 -13.43
CA MET A 867 8.15 -28.44 -14.13
C MET A 867 8.76 -28.52 -15.54
N HIS A 868 9.98 -29.05 -15.66
CA HIS A 868 10.66 -29.12 -16.98
C HIS A 868 9.97 -30.16 -17.88
N HIS A 869 9.03 -30.93 -17.33
CA HIS A 869 8.37 -31.97 -18.10
C HIS A 869 6.97 -31.56 -18.54
N VAL A 870 6.09 -31.25 -17.60
CA VAL A 870 4.71 -30.90 -17.92
C VAL A 870 4.62 -29.40 -18.16
N LYS A 871 3.57 -28.99 -18.85
CA LYS A 871 3.49 -27.65 -19.40
C LYS A 871 3.03 -26.60 -18.38
N ASN A 872 1.80 -26.75 -17.89
CA ASN A 872 1.21 -25.71 -17.07
C ASN A 872 0.60 -26.31 -15.81
N ILE A 873 0.28 -25.46 -14.85
CA ILE A 873 -0.34 -25.95 -13.63
C ILE A 873 -1.85 -25.95 -13.87
N ALA A 874 -2.30 -26.96 -14.62
CA ALA A 874 -3.70 -27.33 -14.67
C ALA A 874 -3.77 -28.85 -14.62
N GLU A 875 -2.81 -29.47 -15.28
CA GLU A 875 -2.83 -30.90 -15.53
C GLU A 875 -2.31 -31.66 -14.31
N LEU A 876 -1.78 -30.93 -13.34
CA LEU A 876 -1.42 -31.54 -12.07
C LEU A 876 -2.66 -32.06 -11.35
N ALA A 877 -3.78 -31.37 -11.51
CA ALA A 877 -5.04 -31.90 -10.99
C ALA A 877 -5.65 -32.90 -11.96
N ALA A 878 -5.19 -32.92 -13.21
CA ALA A 878 -5.80 -33.80 -14.20
C ALA A 878 -5.09 -35.15 -14.24
N LEU A 879 -3.77 -35.16 -14.13
CA LEU A 879 -3.03 -36.41 -14.26
C LEU A 879 -3.17 -37.25 -13.01
N SER A 880 -2.97 -38.56 -13.19
CA SER A 880 -3.17 -39.52 -12.11
C SER A 880 -2.01 -39.45 -11.11
N GLN A 881 -2.23 -40.08 -9.95
CA GLN A 881 -1.17 -40.16 -8.95
C GLN A 881 -0.08 -41.14 -9.38
N ASP A 882 -0.45 -42.13 -10.20
CA ASP A 882 0.51 -43.09 -10.73
C ASP A 882 1.49 -42.42 -11.67
N GLU A 883 0.98 -41.48 -12.48
CA GLU A 883 1.84 -40.72 -13.38
C GLU A 883 2.82 -39.85 -12.60
N LEU A 884 2.35 -39.22 -11.52
CA LEU A 884 3.23 -38.37 -10.72
C LEU A 884 4.26 -39.19 -9.96
N THR A 885 3.87 -40.38 -9.49
CA THR A 885 4.83 -41.19 -8.74
C THR A 885 5.76 -41.93 -9.68
N SER A 886 5.44 -42.00 -10.97
CA SER A 886 6.39 -42.57 -11.92
C SER A 886 7.37 -41.52 -12.41
N ILE A 887 6.90 -40.27 -12.60
CA ILE A 887 7.81 -39.23 -13.06
C ILE A 887 8.68 -38.67 -11.95
N LEU A 888 8.41 -39.01 -10.70
CA LEU A 888 9.19 -38.53 -9.58
C LEU A 888 9.91 -39.64 -8.82
N GLY A 889 9.48 -40.88 -8.98
CA GLY A 889 10.14 -42.01 -8.33
C GLY A 889 9.90 -42.13 -6.85
N ASN A 890 8.95 -41.39 -6.29
CA ASN A 890 8.68 -41.37 -4.86
C ASN A 890 7.19 -41.55 -4.64
N ALA A 891 6.81 -42.11 -3.49
CA ALA A 891 5.42 -42.51 -3.31
C ALA A 891 4.71 -41.69 -2.26
N ALA A 892 5.39 -41.38 -1.15
CA ALA A 892 4.73 -40.76 -0.01
C ALA A 892 4.37 -39.30 -0.29
N ASN A 893 5.35 -38.53 -0.76
CA ASN A 893 5.10 -37.14 -1.11
C ASN A 893 4.19 -37.03 -2.34
N ALA A 894 4.23 -38.04 -3.22
CA ALA A 894 3.34 -38.05 -4.37
C ALA A 894 1.89 -38.26 -3.94
N LYS A 895 1.67 -39.18 -3.00
CA LYS A 895 0.33 -39.36 -2.46
C LYS A 895 -0.10 -38.14 -1.66
N GLN A 896 0.86 -37.46 -1.04
CA GLN A 896 0.58 -36.20 -0.36
C GLN A 896 0.10 -35.13 -1.35
N LEU A 897 0.77 -35.04 -2.49
CA LEU A 897 0.37 -34.08 -3.52
C LEU A 897 -0.99 -34.42 -4.10
N TYR A 898 -1.26 -35.72 -4.30
CA TYR A 898 -2.54 -36.10 -4.88
C TYR A 898 -3.68 -35.91 -3.88
N ASP A 899 -3.39 -36.08 -2.58
CA ASP A 899 -4.40 -35.81 -1.57
C ASP A 899 -4.64 -34.32 -1.42
N PHE A 900 -3.60 -33.50 -1.60
CA PHE A 900 -3.76 -32.06 -1.49
C PHE A 900 -4.51 -31.50 -2.68
N ILE A 901 -4.23 -32.00 -3.88
CA ILE A 901 -4.76 -31.40 -5.09
C ILE A 901 -6.22 -31.81 -5.28
N HIS A 902 -6.65 -32.86 -4.60
CA HIS A 902 -7.99 -33.42 -4.78
C HIS A 902 -8.63 -33.58 -3.41
N THR A 903 -9.28 -32.51 -2.94
CA THR A 903 -9.98 -32.54 -1.68
C THR A 903 -10.99 -31.41 -1.64
N SER A 904 -11.93 -31.51 -0.71
CA SER A 904 -12.92 -30.48 -0.46
C SER A 904 -12.66 -29.84 0.89
N PHE A 905 -13.57 -28.96 1.28
CA PHE A 905 -13.55 -28.41 2.62
C PHE A 905 -14.73 -28.97 3.42
N ALA A 906 -14.47 -29.31 4.67
CA ALA A 906 -15.50 -29.88 5.54
C ALA A 906 -15.22 -29.53 6.99
N SER B 100 18.09 -19.23 41.73
CA SER B 100 19.12 -18.95 42.73
C SER B 100 19.94 -17.72 42.35
N ILE B 101 19.30 -16.55 42.29
CA ILE B 101 20.03 -15.34 41.91
C ILE B 101 20.82 -14.83 43.10
N ILE B 102 22.01 -14.28 42.80
CA ILE B 102 22.91 -13.76 43.82
C ILE B 102 22.97 -12.25 43.67
N VAL B 103 22.53 -11.53 44.71
CA VAL B 103 22.48 -10.08 44.70
C VAL B 103 23.57 -9.58 45.64
N SER B 104 24.59 -8.91 45.10
CA SER B 104 25.73 -8.49 45.91
C SER B 104 25.36 -7.33 46.83
N PRO B 105 25.97 -7.22 48.06
CA PRO B 105 25.40 -6.34 49.11
C PRO B 105 25.50 -4.85 48.87
N ARG B 106 25.97 -4.43 47.72
CA ARG B 106 25.97 -3.02 47.36
C ARG B 106 24.63 -2.56 46.79
N GLN B 107 23.58 -3.37 46.91
CA GLN B 107 22.23 -2.99 46.50
C GLN B 107 21.27 -2.97 47.68
N ARG B 108 21.68 -2.42 48.82
CA ARG B 108 20.84 -2.45 50.01
C ARG B 108 19.64 -1.53 49.86
N GLY B 109 19.89 -0.24 49.63
CA GLY B 109 18.79 0.69 49.43
C GLY B 109 18.46 0.89 47.97
N ASN B 110 18.00 -0.16 47.30
CA ASN B 110 17.74 -0.10 45.88
C ASN B 110 16.26 -0.32 45.59
N PRO B 111 15.68 0.41 44.65
CA PRO B 111 14.25 0.27 44.37
C PRO B 111 13.89 -0.83 43.41
N VAL B 112 14.78 -1.79 43.14
CA VAL B 112 14.43 -2.87 42.23
C VAL B 112 14.17 -4.18 42.98
N LEU B 113 14.83 -4.38 44.13
CA LEU B 113 14.68 -5.64 44.87
C LEU B 113 13.26 -5.83 45.39
N LYS B 114 12.51 -4.74 45.57
CA LYS B 114 11.12 -4.88 45.99
C LYS B 114 10.22 -5.28 44.84
N PHE B 115 10.71 -5.16 43.60
CA PHE B 115 9.83 -5.43 42.45
C PHE B 115 10.15 -6.76 41.79
N VAL B 116 10.96 -7.60 42.43
CA VAL B 116 11.08 -8.98 41.97
C VAL B 116 10.11 -9.84 42.77
N ARG B 117 9.58 -10.88 42.13
CA ARG B 117 8.57 -11.68 42.81
C ARG B 117 8.74 -13.18 42.63
N ASN B 118 9.44 -13.60 41.58
CA ASN B 118 9.38 -15.01 41.21
C ASN B 118 10.31 -15.89 42.04
N VAL B 119 11.62 -15.69 41.94
CA VAL B 119 12.58 -16.61 42.52
C VAL B 119 13.26 -15.93 43.69
N PRO B 120 13.54 -16.63 44.78
CA PRO B 120 14.29 -16.03 45.89
C PRO B 120 15.70 -15.65 45.51
N TRP B 121 16.29 -14.77 46.34
CA TRP B 121 17.59 -14.18 46.06
C TRP B 121 18.55 -14.42 47.22
N GLU B 122 19.82 -14.09 46.99
CA GLU B 122 20.87 -14.33 47.98
C GLU B 122 21.81 -13.14 48.06
N PHE B 123 22.53 -13.03 49.18
CA PHE B 123 23.52 -12.00 49.41
C PHE B 123 24.91 -12.59 49.46
N GLY B 124 25.80 -12.08 48.61
CA GLY B 124 27.12 -12.69 48.47
C GLY B 124 28.14 -11.80 47.79
N ASP B 125 29.35 -11.83 48.33
CA ASP B 125 30.44 -10.95 47.91
C ASP B 125 30.94 -11.44 46.56
N VAL B 126 30.26 -11.01 45.50
CA VAL B 126 30.72 -11.23 44.13
C VAL B 126 30.98 -9.84 43.58
N ILE B 127 31.78 -9.70 42.53
CA ILE B 127 32.15 -8.37 42.04
C ILE B 127 31.07 -7.71 41.17
N PRO B 128 30.41 -8.37 40.22
CA PRO B 128 29.20 -7.75 39.65
C PRO B 128 28.06 -7.95 40.62
N ASP B 129 27.01 -7.15 40.47
CA ASP B 129 26.05 -7.08 41.57
C ASP B 129 25.03 -8.22 41.51
N TYR B 130 24.47 -8.49 40.34
CA TYR B 130 23.43 -9.49 40.19
C TYR B 130 24.00 -10.65 39.40
N VAL B 131 24.22 -11.77 40.06
CA VAL B 131 24.74 -12.95 39.39
C VAL B 131 23.58 -13.88 39.12
N LEU B 132 23.38 -14.23 37.86
CA LEU B 132 22.19 -14.95 37.42
C LEU B 132 22.62 -16.33 36.96
N GLY B 133 22.66 -17.29 37.87
CA GLY B 133 23.02 -18.65 37.52
C GLY B 133 24.48 -18.83 37.24
N GLN B 134 24.84 -19.02 35.98
CA GLN B 134 26.24 -19.07 35.58
C GLN B 134 26.41 -18.29 34.28
N SER B 135 27.54 -17.58 34.19
CA SER B 135 27.96 -16.76 33.03
C SER B 135 26.89 -15.76 32.62
N THR B 136 26.23 -15.15 33.60
CA THR B 136 25.21 -14.13 33.36
C THR B 136 25.22 -13.16 34.54
N CYS B 137 25.92 -12.03 34.39
CA CYS B 137 25.96 -10.99 35.41
C CYS B 137 25.24 -9.75 34.93
N ALA B 138 24.52 -9.10 35.84
CA ALA B 138 23.83 -7.87 35.50
C ALA B 138 24.53 -6.69 36.16
N LEU B 139 24.19 -5.49 35.72
CA LEU B 139 24.66 -4.26 36.35
C LEU B 139 23.56 -3.23 36.21
N PHE B 140 23.22 -2.55 37.29
CA PHE B 140 22.02 -1.73 37.34
C PHE B 140 22.39 -0.27 37.48
N LEU B 141 21.80 0.58 36.65
CA LEU B 141 22.21 1.96 36.53
C LEU B 141 21.06 2.82 36.07
N SER B 142 20.75 3.86 36.82
CA SER B 142 19.80 4.87 36.41
C SER B 142 20.55 6.05 35.85
N LEU B 143 20.00 6.68 34.80
CA LEU B 143 20.78 7.64 34.04
C LEU B 143 20.92 8.96 34.79
N ARG B 144 20.03 9.21 35.74
CA ARG B 144 20.19 10.37 36.62
C ARG B 144 21.44 10.21 37.49
N TYR B 145 21.77 8.98 37.87
CA TYR B 145 23.02 8.75 38.59
C TYR B 145 24.21 8.89 37.66
N HIS B 146 24.02 8.61 36.37
CA HIS B 146 25.12 8.76 35.42
C HIS B 146 25.44 10.23 35.19
N ASN B 147 24.42 11.09 35.26
CA ASN B 147 24.71 12.51 35.10
C ASN B 147 25.31 13.10 36.37
N LEU B 148 25.23 12.38 37.49
CA LEU B 148 25.83 12.89 38.72
C LEU B 148 27.32 12.59 38.79
N HIS B 149 27.68 11.31 38.87
CA HIS B 149 29.08 10.88 38.83
C HIS B 149 29.34 10.35 37.43
N PRO B 150 29.95 11.14 36.55
CA PRO B 150 30.16 10.67 35.18
C PRO B 150 31.30 9.67 35.05
N ASP B 151 32.12 9.51 36.09
CA ASP B 151 33.27 8.61 36.07
C ASP B 151 33.03 7.34 36.86
N TYR B 152 31.79 6.83 36.88
CA TYR B 152 31.48 5.71 37.73
C TYR B 152 31.28 4.42 36.94
N ILE B 153 30.72 4.50 35.73
CA ILE B 153 30.57 3.30 34.92
C ILE B 153 31.91 2.88 34.35
N HIS B 154 32.67 3.85 33.82
CA HIS B 154 33.91 3.56 33.10
C HIS B 154 34.98 2.98 34.02
N GLY B 155 34.93 3.27 35.30
CA GLY B 155 35.83 2.63 36.24
C GLY B 155 35.40 1.21 36.54
N ARG B 156 34.09 0.99 36.66
CA ARG B 156 33.57 -0.31 37.04
C ARG B 156 33.71 -1.34 35.92
N LEU B 157 33.71 -0.89 34.66
CA LEU B 157 33.90 -1.82 33.54
C LEU B 157 35.25 -2.50 33.58
N GLN B 158 36.26 -1.84 34.13
CA GLN B 158 37.61 -2.40 34.07
C GLN B 158 37.80 -3.52 35.08
N SER B 159 37.13 -3.44 36.23
CA SER B 159 37.40 -4.41 37.28
C SER B 159 36.63 -5.70 37.06
N LEU B 160 35.64 -5.68 36.16
CA LEU B 160 34.89 -6.91 35.89
C LEU B 160 35.71 -7.86 35.05
N GLY B 161 36.41 -7.35 34.06
CA GLY B 161 37.28 -8.19 33.27
C GLY B 161 36.51 -9.03 32.27
N LYS B 162 37.08 -10.20 31.97
CA LYS B 162 36.50 -11.15 31.04
C LYS B 162 36.15 -12.46 31.73
N ASN B 163 35.55 -12.38 32.92
CA ASN B 163 35.26 -13.59 33.67
C ASN B 163 34.07 -14.33 33.07
N PHE B 164 32.91 -13.70 33.03
CA PHE B 164 31.70 -14.38 32.60
C PHE B 164 31.56 -14.30 31.09
N ALA B 165 30.78 -15.23 30.54
CA ALA B 165 30.64 -15.37 29.11
C ALA B 165 29.53 -14.53 28.51
N LEU B 166 28.52 -14.14 29.31
CA LEU B 166 27.49 -13.19 28.87
C LEU B 166 27.36 -12.12 29.96
N ARG B 167 27.81 -10.92 29.65
CA ARG B 167 27.66 -9.80 30.54
C ARG B 167 26.44 -9.00 30.14
N VAL B 168 25.78 -8.38 31.10
CA VAL B 168 24.55 -7.64 30.84
C VAL B 168 24.63 -6.31 31.55
N LEU B 169 24.44 -5.22 30.83
CA LEU B 169 24.33 -3.89 31.40
C LEU B 169 22.92 -3.41 31.10
N LEU B 170 22.08 -3.34 32.13
CA LEU B 170 20.74 -2.82 31.95
C LEU B 170 20.70 -1.43 32.55
N VAL B 171 20.19 -0.47 31.78
CA VAL B 171 20.10 0.91 32.21
C VAL B 171 18.65 1.34 32.22
N GLN B 172 18.31 2.23 33.13
CA GLN B 172 16.95 2.68 33.34
C GLN B 172 16.88 4.18 33.12
N VAL B 173 16.02 4.61 32.21
CA VAL B 173 15.95 6.01 31.82
C VAL B 173 14.81 6.69 32.55
N ASP B 174 15.09 7.83 33.17
CA ASP B 174 14.06 8.65 33.80
C ASP B 174 14.36 10.13 33.58
N VAL B 175 15.13 10.45 32.55
CA VAL B 175 15.51 11.83 32.24
C VAL B 175 14.93 12.19 30.89
N LYS B 176 14.29 13.37 30.81
CA LYS B 176 13.49 13.74 29.65
C LYS B 176 14.32 14.07 28.42
N ASP B 177 15.64 14.16 28.54
CA ASP B 177 16.54 14.45 27.41
C ASP B 177 17.53 13.30 27.26
N PRO B 178 17.11 12.18 26.67
CA PRO B 178 18.00 11.02 26.58
C PRO B 178 18.81 10.92 25.29
N GLN B 179 18.83 11.96 24.47
CA GLN B 179 19.45 11.83 23.15
C GLN B 179 20.96 11.95 23.18
N GLN B 180 21.56 12.15 24.36
CA GLN B 180 23.01 12.31 24.46
C GLN B 180 23.68 11.19 25.25
N ALA B 181 23.12 10.83 26.40
CA ALA B 181 23.73 9.84 27.26
C ALA B 181 23.68 8.44 26.63
N LEU B 182 22.62 8.15 25.86
CA LEU B 182 22.57 6.86 25.18
C LEU B 182 23.62 6.77 24.08
N LYS B 183 23.85 7.88 23.39
CA LYS B 183 24.87 7.92 22.35
C LYS B 183 26.27 7.87 22.96
N GLU B 184 26.41 8.28 24.22
CA GLU B 184 27.69 8.10 24.89
C GLU B 184 27.86 6.67 25.36
N LEU B 185 26.79 6.09 25.93
CA LEU B 185 26.89 4.78 26.57
C LEU B 185 27.06 3.66 25.56
N ALA B 186 26.51 3.82 24.36
CA ALA B 186 26.71 2.80 23.34
C ALA B 186 28.17 2.73 22.91
N LYS B 187 28.80 3.88 22.71
CA LYS B 187 30.21 3.86 22.33
C LYS B 187 31.11 3.50 23.51
N MET B 188 30.63 3.70 24.74
CA MET B 188 31.43 3.29 25.90
C MET B 188 31.10 1.88 26.32
N CYS B 189 30.22 1.21 25.58
CA CYS B 189 29.95 -0.20 25.84
C CYS B 189 30.50 -1.10 24.74
N ILE B 190 30.58 -0.59 23.50
CA ILE B 190 30.95 -1.42 22.36
C ILE B 190 32.38 -1.92 22.46
N LEU B 191 33.30 -1.10 22.99
CA LEU B 191 34.68 -1.53 23.05
C LEU B 191 34.95 -2.41 24.28
N ALA B 192 33.96 -2.57 25.15
CA ALA B 192 34.21 -3.33 26.39
C ALA B 192 33.38 -4.60 26.47
N ASP B 193 32.63 -4.91 25.41
CA ASP B 193 31.89 -6.16 25.21
C ASP B 193 30.85 -6.45 26.29
N CYS B 194 29.78 -5.65 26.32
CA CYS B 194 28.61 -5.91 27.14
C CYS B 194 27.37 -5.88 26.26
N THR B 195 26.20 -5.86 26.88
CA THR B 195 24.93 -5.83 26.17
C THR B 195 24.02 -4.84 26.85
N LEU B 196 23.57 -3.83 26.12
CA LEU B 196 22.81 -2.71 26.69
C LEU B 196 21.32 -3.00 26.57
N ILE B 197 20.63 -3.11 27.70
CA ILE B 197 19.19 -3.31 27.72
C ILE B 197 18.56 -2.10 28.38
N LEU B 198 17.63 -1.45 27.69
CA LEU B 198 16.96 -0.26 28.22
C LEU B 198 15.66 -0.65 28.89
N ALA B 199 15.41 -0.10 30.08
CA ALA B 199 14.19 -0.38 30.84
C ALA B 199 13.45 0.93 31.06
N TRP B 200 12.16 0.94 30.76
CA TRP B 200 11.45 2.22 30.70
C TRP B 200 10.85 2.60 32.04
N SER B 201 10.73 1.65 32.95
CA SER B 201 10.05 1.88 34.22
C SER B 201 10.55 0.88 35.26
N PRO B 202 10.56 1.24 36.56
CA PRO B 202 11.08 0.31 37.57
C PRO B 202 10.29 -0.96 37.76
N GLU B 203 9.05 -1.01 37.30
CA GLU B 203 8.30 -2.25 37.38
C GLU B 203 8.76 -3.24 36.32
N GLU B 204 9.25 -2.74 35.19
CA GLU B 204 9.66 -3.63 34.09
C GLU B 204 10.96 -4.35 34.45
N ALA B 205 11.72 -3.79 35.38
CA ALA B 205 12.94 -4.45 35.84
C ALA B 205 12.64 -5.76 36.55
N GLY B 206 11.46 -5.89 37.16
CA GLY B 206 11.08 -7.15 37.76
C GLY B 206 10.88 -8.25 36.74
N ARG B 207 10.26 -7.90 35.60
CA ARG B 207 10.11 -8.87 34.53
C ARG B 207 11.45 -9.23 33.91
N TYR B 208 12.35 -8.26 33.78
CA TYR B 208 13.66 -8.59 33.22
C TYR B 208 14.49 -9.45 34.17
N LEU B 209 14.49 -9.09 35.47
CA LEU B 209 15.26 -9.84 36.45
C LEU B 209 14.73 -11.26 36.63
N GLU B 210 13.42 -11.46 36.50
CA GLU B 210 12.93 -12.83 36.59
C GLU B 210 13.15 -13.58 35.29
N THR B 211 13.02 -12.90 34.14
CA THR B 211 13.02 -13.58 32.86
C THR B 211 14.42 -14.06 32.48
N TYR B 212 15.44 -13.30 32.88
CA TYR B 212 16.80 -13.78 32.69
C TYR B 212 17.12 -14.99 33.56
N LYS B 213 16.48 -15.09 34.72
CA LYS B 213 16.78 -16.23 35.59
C LYS B 213 16.10 -17.49 35.10
N ALA B 214 14.81 -17.42 34.81
CA ALA B 214 14.02 -18.63 34.63
C ALA B 214 14.05 -19.17 33.21
N TYR B 215 15.12 -18.92 32.46
CA TYR B 215 15.19 -19.35 31.06
C TYR B 215 16.54 -19.98 30.75
N GLU B 216 16.55 -21.27 30.45
CA GLU B 216 17.68 -21.97 29.84
C GLU B 216 17.18 -22.98 28.80
N GLN B 217 16.07 -22.65 28.14
CA GLN B 217 15.27 -23.65 27.45
C GLN B 217 15.81 -23.87 26.02
N LYS B 218 15.06 -24.62 25.24
CA LYS B 218 15.26 -25.05 23.88
C LYS B 218 14.84 -23.95 22.91
N PRO B 219 15.27 -24.02 21.62
CA PRO B 219 14.84 -22.99 20.66
C PRO B 219 13.39 -23.11 20.25
N ALA B 220 12.49 -22.65 21.11
CA ALA B 220 11.05 -22.68 20.83
C ALA B 220 10.57 -21.46 20.09
N ASP B 221 11.43 -20.82 19.31
CA ASP B 221 11.09 -19.64 18.55
C ASP B 221 11.57 -19.72 17.11
N LEU B 222 12.31 -20.77 16.76
CA LEU B 222 13.00 -20.91 15.48
C LEU B 222 12.03 -21.04 14.32
N LEU B 223 11.19 -22.07 14.35
CA LEU B 223 10.38 -22.41 13.20
C LEU B 223 9.25 -21.40 13.03
N MET B 224 9.38 -20.56 12.02
CA MET B 224 8.28 -19.73 11.57
C MET B 224 7.11 -20.56 11.06
N GLU B 225 7.37 -21.80 10.64
CA GLU B 225 6.34 -22.73 10.23
C GLU B 225 5.91 -23.64 11.37
N LYS B 226 5.81 -23.08 12.59
CA LYS B 226 5.48 -23.88 13.77
C LYS B 226 4.08 -24.47 13.69
N LEU B 227 3.18 -23.83 12.93
CA LEU B 227 1.81 -24.33 12.80
C LEU B 227 1.52 -24.84 11.39
N GLU B 228 2.56 -25.21 10.64
CA GLU B 228 2.35 -25.62 9.27
C GLU B 228 2.16 -27.13 9.16
N GLN B 229 1.04 -27.63 9.67
CA GLN B 229 0.75 -29.05 9.54
C GLN B 229 -0.72 -29.35 9.31
N ASP B 230 -1.44 -28.42 8.67
CA ASP B 230 -2.88 -28.58 8.52
C ASP B 230 -3.25 -28.12 7.11
N PHE B 231 -4.41 -28.56 6.63
CA PHE B 231 -4.77 -28.35 5.23
C PHE B 231 -5.12 -26.89 4.93
N VAL B 232 -5.93 -26.26 5.77
CA VAL B 232 -6.32 -24.89 5.51
C VAL B 232 -5.13 -23.95 5.66
N SER B 233 -4.20 -24.26 6.55
CA SER B 233 -2.97 -23.50 6.65
C SER B 233 -2.09 -23.67 5.42
N ARG B 234 -2.04 -24.88 4.84
CA ARG B 234 -1.29 -25.07 3.62
C ARG B 234 -1.89 -24.35 2.43
N VAL B 235 -3.23 -24.32 2.30
CA VAL B 235 -3.78 -23.60 1.17
C VAL B 235 -3.66 -22.09 1.38
N THR B 236 -3.75 -21.58 2.61
CA THR B 236 -3.59 -20.14 2.76
C THR B 236 -2.14 -19.71 2.76
N GLU B 237 -1.20 -20.65 2.93
CA GLU B 237 0.20 -20.32 2.78
C GLU B 237 0.69 -20.55 1.35
N CYS B 238 -0.06 -21.31 0.57
CA CYS B 238 0.29 -21.49 -0.82
C CYS B 238 -0.31 -20.41 -1.70
N LEU B 239 -1.53 -19.97 -1.41
CA LEU B 239 -2.23 -19.07 -2.32
C LEU B 239 -1.74 -17.64 -2.20
N THR B 240 -1.15 -17.28 -1.07
CA THR B 240 -0.78 -15.89 -0.83
C THR B 240 0.54 -15.50 -1.47
N THR B 241 1.09 -16.37 -2.34
CA THR B 241 2.39 -16.06 -2.93
C THR B 241 2.29 -15.05 -4.05
N VAL B 242 1.07 -14.79 -4.54
CA VAL B 242 0.89 -13.77 -5.56
C VAL B 242 0.98 -12.39 -4.92
N LYS B 243 1.03 -11.35 -5.77
CA LYS B 243 1.50 -10.01 -5.44
C LYS B 243 0.78 -9.34 -4.28
N SER B 244 -0.52 -9.13 -4.38
CA SER B 244 -1.28 -8.57 -3.25
C SER B 244 -2.61 -9.30 -3.14
N VAL B 245 -2.62 -10.43 -2.44
CA VAL B 245 -3.82 -11.11 -1.97
C VAL B 245 -3.59 -11.54 -0.54
N ASN B 246 -4.38 -10.98 0.37
CA ASN B 246 -4.25 -11.25 1.79
C ASN B 246 -4.92 -12.58 2.15
N LYS B 247 -5.00 -12.86 3.45
CA LYS B 247 -5.59 -14.12 3.89
C LYS B 247 -7.10 -14.14 3.73
N THR B 248 -7.76 -12.99 3.90
CA THR B 248 -9.23 -12.96 3.90
C THR B 248 -9.80 -13.26 2.52
N ASP B 249 -9.11 -12.80 1.47
CA ASP B 249 -9.53 -13.16 0.13
C ASP B 249 -9.31 -14.63 -0.14
N SER B 250 -8.31 -15.24 0.51
CA SER B 250 -8.15 -16.68 0.41
C SER B 250 -9.26 -17.42 1.13
N GLN B 251 -9.75 -16.86 2.24
CA GLN B 251 -10.92 -17.44 2.91
C GLN B 251 -12.15 -17.40 2.03
N THR B 252 -12.40 -16.22 1.42
CA THR B 252 -13.59 -16.08 0.60
C THR B 252 -13.42 -16.72 -0.77
N LEU B 253 -12.20 -17.13 -1.11
CA LEU B 253 -12.01 -17.96 -2.28
C LEU B 253 -12.17 -19.43 -1.92
N LEU B 254 -11.86 -19.79 -0.68
CA LEU B 254 -12.04 -21.16 -0.23
C LEU B 254 -13.51 -21.51 -0.09
N THR B 255 -14.31 -20.62 0.47
CA THR B 255 -15.69 -20.95 0.80
C THR B 255 -16.65 -20.83 -0.39
N THR B 256 -16.14 -20.70 -1.61
CA THR B 256 -16.98 -20.75 -2.80
C THR B 256 -16.77 -22.03 -3.59
N PHE B 257 -15.53 -22.53 -3.68
CA PHE B 257 -15.31 -23.74 -4.44
C PHE B 257 -14.81 -24.86 -3.53
N GLY B 258 -13.72 -24.61 -2.82
CA GLY B 258 -13.08 -25.61 -1.97
C GLY B 258 -12.09 -26.52 -2.68
N SER B 259 -12.22 -26.68 -3.99
CA SER B 259 -11.41 -27.63 -4.75
C SER B 259 -10.43 -26.89 -5.65
N LEU B 260 -9.18 -27.34 -5.63
CA LEU B 260 -8.22 -26.85 -6.61
C LEU B 260 -8.56 -27.35 -8.01
N GLU B 261 -9.21 -28.52 -8.09
CA GLU B 261 -9.67 -29.00 -9.39
C GLU B 261 -10.80 -28.12 -9.93
N GLN B 262 -11.64 -27.61 -9.04
CA GLN B 262 -12.70 -26.72 -9.48
C GLN B 262 -12.15 -25.33 -9.77
N LEU B 263 -11.18 -24.88 -8.96
CA LEU B 263 -10.64 -23.53 -9.13
C LEU B 263 -9.78 -23.45 -10.39
N ILE B 264 -9.12 -24.55 -10.75
CA ILE B 264 -8.23 -24.54 -11.90
C ILE B 264 -9.00 -24.59 -13.21
N ALA B 265 -10.30 -24.86 -13.17
CA ALA B 265 -11.07 -25.01 -14.39
C ALA B 265 -12.05 -23.87 -14.63
N ALA B 266 -12.15 -22.91 -13.71
CA ALA B 266 -13.11 -21.83 -13.87
C ALA B 266 -12.62 -20.82 -14.90
N SER B 267 -13.57 -20.13 -15.52
CA SER B 267 -13.25 -19.12 -16.53
C SER B 267 -12.84 -17.82 -15.83
N ARG B 268 -12.38 -16.85 -16.62
CA ARG B 268 -12.00 -15.55 -16.06
C ARG B 268 -13.21 -14.79 -15.54
N GLU B 269 -14.33 -14.88 -16.25
CA GLU B 269 -15.56 -14.29 -15.74
C GLU B 269 -16.13 -15.12 -14.60
N ASP B 270 -15.88 -16.43 -14.60
CA ASP B 270 -16.32 -17.27 -13.50
C ASP B 270 -15.57 -16.96 -12.21
N LEU B 271 -14.28 -16.63 -12.33
CA LEU B 271 -13.54 -16.15 -11.17
C LEU B 271 -13.71 -14.67 -10.93
N ALA B 272 -14.54 -13.99 -11.74
CA ALA B 272 -14.74 -12.57 -11.54
C ALA B 272 -15.89 -12.28 -10.59
N LEU B 273 -16.46 -13.31 -9.97
CA LEU B 273 -17.54 -13.15 -8.98
C LEU B 273 -16.93 -13.09 -7.58
N CYS B 274 -15.97 -12.18 -7.43
CA CYS B 274 -15.18 -12.07 -6.21
C CYS B 274 -15.85 -11.13 -5.21
N PRO B 275 -16.13 -11.60 -4.00
CA PRO B 275 -16.67 -10.72 -2.97
C PRO B 275 -15.63 -9.77 -2.40
N GLY B 276 -15.45 -8.62 -3.07
CA GLY B 276 -14.67 -7.55 -2.49
C GLY B 276 -13.20 -7.63 -2.79
N LEU B 277 -12.80 -8.47 -3.74
CA LEU B 277 -11.40 -8.55 -4.12
C LEU B 277 -11.06 -7.54 -5.19
N GLY B 278 -11.83 -7.52 -6.28
CA GLY B 278 -11.57 -6.62 -7.38
C GLY B 278 -11.24 -7.38 -8.64
N PRO B 279 -11.40 -6.74 -9.80
CA PRO B 279 -11.10 -7.43 -11.06
C PRO B 279 -9.61 -7.57 -11.32
N GLN B 280 -8.79 -6.68 -10.76
CA GLN B 280 -7.36 -6.70 -11.02
C GLN B 280 -6.70 -7.92 -10.39
N LYS B 281 -7.03 -8.20 -9.12
CA LYS B 281 -6.46 -9.37 -8.46
C LYS B 281 -6.99 -10.66 -9.07
N ALA B 282 -8.22 -10.64 -9.57
CA ALA B 282 -8.78 -11.81 -10.23
C ALA B 282 -8.06 -12.08 -11.54
N ARG B 283 -7.77 -11.04 -12.32
CA ARG B 283 -7.02 -11.22 -13.56
C ARG B 283 -5.59 -11.64 -13.28
N ARG B 284 -5.02 -11.15 -12.17
CA ARG B 284 -3.68 -11.55 -11.76
C ARG B 284 -3.62 -13.03 -11.43
N LEU B 285 -4.58 -13.52 -10.64
CA LEU B 285 -4.57 -14.92 -10.26
C LEU B 285 -4.95 -15.81 -11.43
N PHE B 286 -5.77 -15.30 -12.35
CA PHE B 286 -6.16 -16.08 -13.51
C PHE B 286 -5.00 -16.21 -14.50
N ASP B 287 -4.13 -15.21 -14.53
CA ASP B 287 -2.92 -15.35 -15.34
C ASP B 287 -1.93 -16.28 -14.64
N VAL B 288 -1.80 -16.11 -13.33
CA VAL B 288 -0.80 -16.92 -12.56
C VAL B 288 -1.17 -18.40 -12.76
N LEU B 289 -2.38 -18.77 -12.37
CA LEU B 289 -2.71 -20.17 -12.19
C LEU B 289 -2.64 -20.96 -13.50
N HIS B 290 -2.55 -20.27 -14.64
CA HIS B 290 -2.19 -20.94 -15.89
C HIS B 290 -1.42 -19.94 -16.76
N GLU B 291 -0.11 -20.09 -16.77
CA GLU B 291 0.80 -19.45 -17.70
C GLU B 291 1.96 -20.40 -17.91
N PRO B 292 2.43 -20.57 -19.14
CA PRO B 292 3.51 -21.55 -19.39
C PRO B 292 4.84 -21.09 -18.84
N PHE B 293 5.63 -22.04 -18.33
CA PHE B 293 6.90 -21.67 -17.69
C PHE B 293 7.96 -21.33 -18.73
N LEU B 294 8.32 -22.30 -19.56
CA LEU B 294 9.41 -22.13 -20.51
C LEU B 294 8.87 -21.49 -21.80
N LYS B 295 9.68 -21.49 -22.85
CA LYS B 295 9.27 -20.94 -24.14
C LYS B 295 9.33 -22.01 -25.22
#